data_7B5N
#
_entry.id   7B5N
#
_cell.length_a   1.00
_cell.length_b   1.00
_cell.length_c   1.00
_cell.angle_alpha   90.00
_cell.angle_beta   90.00
_cell.angle_gamma   90.00
#
_symmetry.space_group_name_H-M   'P 1'
#
loop_
_entity.id
_entity.type
_entity.pdbx_description
1 polymer Cullin-1
2 polymer 'E3 ubiquitin-protein ligase ARIH1'
3 polymer Polyubiquitin-C
4 polymer NEDD8
5 polymer 'E3 ubiquitin-protein ligase RBX1'
6 polymer 'Ubiquitin-conjugating enzyme E2 L3'
7 non-polymer 'ZINC ION'
8 non-polymer 5-azanylpentan-2-one
#
loop_
_entity_poly.entity_id
_entity_poly.type
_entity_poly.pdbx_seq_one_letter_code
_entity_poly.pdbx_strand_id
1 'polypeptide(L)'
;MSSTRSQNPHGLKQIGLDQIWDDLRAGIQQVYTRQSMAKSRYMELYTHVYNYCTSVHQSNQARGAGVPPSKSKKGQTPGG
AQFVGLELYKRLKEFLKNYLTNLLKDGEDLMDESVLKFYTQQWEDYRFSSKVLNGICAYLNRHWVRRECDEGRKGIYEIY
SLALVTWRDCLFRPLNKQVTNAVLKLIEKERNGETINTRLISGVVQSYVELGLNEDDAFAKGPTLTVYKESFESQFLADT
ERFYTRESTEFLQQNPVTEYMKKAEARLLEEQRRVQVYLHESTQDELARKCEQVLIEKHLEIFHTEFQNLLDADKNEDLG
RMYNLVSRIQDGLGELKKLLETHIHNQGLAAIEKCGEAALNDPKMYVQTVLDVHKKYNALVMSAFNNDAGFVAALDKACG
RFINNNAVTKMAQSSSKSPELLARYCDSLLKKSSKNPEEAELEDTLNQVMVVFKYIEDKDVFQKFYAKMLAKRLVHQNSA
SDDAEASMISKLKQACGFEYTSKLQRMFQDIGVSKDLNEQFKKHLTNSEPLDLDFSIQVLSSGSWPFQQSCTFALPSELE
RSYQRFTAFYASRHSGRKLTWLYQLSKGELVTNCFKNRYTLQASTFQMAILLQYNTEDAYTVQQLTDSTQIKMDILAQVL
QILLKSKLLVLEDENANVDEVELKPDTLIKLYLGYKNKKLRVNINVPMKTEQKQEQETTHKNIEEDRKLLIQAAIVRIMK
MRKVLKHQQLLGEVLTQLSSRFKPRVPVIKKCIDILIEKEYLERVDGEKDTYSYLA
;
C
2 'polypeptide(L)'
;MDSDEGYNYEFDEDEECSEEDSGAEEEEDEDDDEPDDDTLDLGEVELVEPGLGVGGERDGLLCGETGGGGGSALGPGGGG
GGGGGGGGGGPGHEQEEDYRYEVLTAEQILQHMVECIREVNEVIQNPATITRILLSHFNWDKEKLMERYFDGNLEKLFAE
CHVINPSKKSRTRQMNTRSSAQDMPCQICYLNYPNSYFTGLECGHKFCMQCWSEYLTTKIMEEGMGQTISCPAHGCDILV
DDNTVMRLITDSKVKLKYQHLITNSFVECNRLLKWCPAPDCHHVVKVQYPDAKPVRCKCGRQFCFNCGENWHDPVKCKWL
KKWIKKCDDDSETSNWIAANTKECPKCHVTIEKDGGCNHMVCRNQNCKAEFCWVCLGPWEPHGSAWYNCNRYNEDDAKAA
RDAQERSRAALQRYLFYCNRYMNHMQSLRFEHKLYAQVKQKMEEMQQHNMSWIEVQFLKKAVDVLCQCRATLMYTYVFAF
YLKKNNQSIIFENNQADLENATEVLSGYLERDISQDSLQDIKQKVQDKYRYCESRRRVLLQHVHEGYEKDLWEYIED
;
H
3 'polypeptide(L)' MQIFVKTLTGKTITLEVEPSDTIENVKAKIQDKEGIPPDQQRLIFAGKQLEDGRTLSDYNIQKESTLHLVLRLRG U
4 'polypeptide(L)'
;MLIKVKTLTGKEIEIDIEPTDKVERIKERVEEKEGIPPQQQRLIYSGKQMNDEKTAADYKILGGSVLHLVLALRGGGGLR
Q
;
N
5 'polypeptide(L)'
;MAAAMDVDTPSGTNSGAGKKRFEVKKWNAVALWAWDIVVDNCAICRNHIMDLCIECQANQASATSEECTVAWGVCNHAFH
FHCISRWLKTRQVCPLDNREWEFQKYGH
;
R
6 'polypeptide(L)'
;MAASRRLMKELEEIRKAGMKNFRNIQVDEANLLTWQGLIVPDNPPYDKGAFRIEINFPAEYPFKPPKITFKTKIYHPNID
EKGQVCLPVISAENWKPATKTDQVIQSLIALVNDPQPEHPLRADLAEEYSKDRKKFAKNAEEFTKKYGEKRPVD
;
D
#
# COMPACT_ATOMS: atom_id res chain seq x y z
N LEU A 336 35.74 -31.32 -8.50
CA LEU A 336 35.22 -32.00 -9.67
C LEU A 336 33.70 -31.92 -9.71
N LYS A 337 33.13 -31.35 -8.64
CA LYS A 337 31.69 -31.19 -8.57
C LYS A 337 31.27 -29.88 -9.22
N LYS A 338 31.80 -28.76 -8.71
CA LYS A 338 31.40 -27.45 -9.20
C LYS A 338 31.62 -27.31 -10.69
N LEU A 339 32.59 -28.05 -11.23
CA LEU A 339 32.87 -27.96 -12.66
C LEU A 339 31.84 -28.73 -13.47
N LEU A 340 31.42 -29.89 -12.98
CA LEU A 340 30.46 -30.71 -13.72
C LEU A 340 29.13 -29.97 -13.87
N GLU A 341 28.67 -29.36 -12.80
CA GLU A 341 27.42 -28.60 -12.83
C GLU A 341 27.44 -27.51 -13.89
N THR A 342 28.57 -26.83 -14.03
CA THR A 342 28.68 -25.76 -15.01
C THR A 342 28.70 -26.31 -16.43
N HIS A 343 29.28 -27.50 -16.62
CA HIS A 343 29.33 -28.09 -17.94
C HIS A 343 27.96 -28.62 -18.37
N ILE A 344 27.28 -29.32 -17.46
CA ILE A 344 26.01 -29.97 -17.81
C ILE A 344 24.91 -28.93 -18.02
N HIS A 345 24.87 -27.89 -17.21
CA HIS A 345 23.90 -26.82 -17.43
C HIS A 345 24.12 -26.15 -18.78
N ASN A 346 25.38 -25.89 -19.14
CA ASN A 346 25.68 -25.21 -20.40
C ASN A 346 25.38 -26.11 -21.59
N GLN A 347 25.57 -27.41 -21.42
CA GLN A 347 25.40 -28.32 -22.55
C GLN A 347 23.92 -28.53 -22.88
N GLY A 348 23.09 -28.69 -21.86
CA GLY A 348 21.68 -28.93 -22.10
C GLY A 348 20.98 -27.73 -22.70
N LEU A 349 21.40 -26.52 -22.30
CA LEU A 349 20.70 -25.31 -22.70
C LEU A 349 20.68 -25.15 -24.21
N ALA A 350 21.82 -25.40 -24.86
CA ALA A 350 21.90 -25.18 -26.30
C ALA A 350 21.30 -26.36 -27.08
N ALA A 351 21.08 -27.49 -26.41
CA ALA A 351 20.48 -28.64 -27.09
C ALA A 351 19.07 -28.31 -27.55
N ILE A 352 18.30 -27.60 -26.72
CA ILE A 352 16.95 -27.20 -27.10
C ILE A 352 16.93 -25.87 -27.86
N GLU A 353 18.01 -25.08 -27.76
CA GLU A 353 18.10 -23.85 -28.55
C GLU A 353 18.08 -24.15 -30.04
N LYS A 354 18.62 -25.31 -30.44
CA LYS A 354 18.69 -25.66 -31.85
C LYS A 354 17.31 -25.76 -32.48
N CYS A 355 16.34 -26.36 -31.79
CA CYS A 355 15.00 -26.47 -32.35
C CYS A 355 14.34 -25.09 -32.45
N GLY A 356 14.63 -24.20 -31.50
CA GLY A 356 14.11 -22.85 -31.58
C GLY A 356 12.59 -22.80 -31.52
N GLU A 357 12.00 -21.99 -32.40
CA GLU A 357 10.56 -21.82 -32.40
C GLU A 357 9.83 -23.11 -32.79
N ALA A 358 10.52 -24.03 -33.48
CA ALA A 358 9.89 -25.28 -33.86
C ALA A 358 9.40 -26.05 -32.64
N ALA A 359 10.09 -25.91 -31.50
CA ALA A 359 9.63 -26.55 -30.28
C ALA A 359 8.44 -25.81 -29.68
N LEU A 360 8.47 -24.47 -29.70
CA LEU A 360 7.47 -23.66 -29.02
C LEU A 360 6.04 -23.99 -29.42
N ASN A 361 5.84 -24.74 -30.49
CA ASN A 361 4.50 -25.18 -30.85
C ASN A 361 4.43 -26.69 -30.97
N ASP A 362 5.50 -27.41 -30.67
CA ASP A 362 5.53 -28.88 -30.75
C ASP A 362 6.17 -29.42 -29.48
N PRO A 363 5.38 -29.76 -28.47
CA PRO A 363 5.96 -30.20 -27.19
C PRO A 363 6.78 -31.46 -27.31
N LYS A 364 6.48 -32.30 -28.31
CA LYS A 364 7.14 -33.60 -28.42
C LYS A 364 8.65 -33.44 -28.51
N MET A 365 9.14 -32.60 -29.42
CA MET A 365 10.57 -32.43 -29.57
C MET A 365 11.20 -31.83 -28.32
N TYR A 366 10.52 -30.87 -27.69
CA TYR A 366 11.06 -30.23 -26.50
C TYR A 366 11.27 -31.23 -25.38
N VAL A 367 10.23 -31.99 -25.04
CA VAL A 367 10.35 -32.95 -23.95
C VAL A 367 11.34 -34.03 -24.32
N GLN A 368 11.36 -34.45 -25.58
CA GLN A 368 12.31 -35.49 -26.00
C GLN A 368 13.74 -35.01 -25.86
N THR A 369 14.02 -33.75 -26.21
CA THR A 369 15.37 -33.23 -26.11
C THR A 369 15.82 -33.17 -24.65
N VAL A 370 14.96 -32.64 -23.78
CA VAL A 370 15.32 -32.58 -22.37
C VAL A 370 15.61 -33.99 -21.84
N LEU A 371 14.76 -34.94 -22.20
CA LEU A 371 14.95 -36.32 -21.77
C LEU A 371 16.26 -36.88 -22.27
N ASP A 372 16.62 -36.59 -23.51
CA ASP A 372 17.86 -37.13 -24.07
C ASP A 372 19.08 -36.59 -23.32
N VAL A 373 19.12 -35.28 -23.09
CA VAL A 373 20.26 -34.72 -22.36
C VAL A 373 20.35 -35.35 -20.98
N HIS A 374 19.23 -35.42 -20.27
CA HIS A 374 19.28 -35.98 -18.94
C HIS A 374 19.73 -37.43 -18.96
N LYS A 375 19.22 -38.21 -19.91
CA LYS A 375 19.60 -39.62 -19.96
C LYS A 375 21.09 -39.77 -20.22
N LYS A 376 21.63 -38.98 -21.14
CA LYS A 376 23.04 -39.11 -21.47
C LYS A 376 23.93 -38.81 -20.28
N TYR A 377 23.68 -37.69 -19.59
CA TYR A 377 24.58 -37.39 -18.49
C TYR A 377 24.28 -38.20 -17.24
N ASN A 378 23.07 -38.71 -17.09
CA ASN A 378 22.82 -39.69 -16.04
C ASN A 378 23.63 -40.95 -16.28
N ALA A 379 23.67 -41.41 -17.53
CA ALA A 379 24.51 -42.55 -17.84
C ALA A 379 25.98 -42.24 -17.62
N LEU A 380 26.37 -40.98 -17.85
CA LEU A 380 27.77 -40.61 -17.61
C LEU A 380 28.13 -40.70 -16.14
N VAL A 381 27.31 -40.12 -15.26
CA VAL A 381 27.65 -40.09 -13.83
C VAL A 381 27.12 -41.32 -13.11
N MET A 382 26.52 -42.27 -13.83
CA MET A 382 26.09 -43.52 -13.24
C MET A 382 27.22 -44.52 -13.03
N SER A 383 28.22 -44.52 -13.92
CA SER A 383 29.30 -45.51 -13.88
C SER A 383 30.66 -44.85 -13.64
N ALA A 384 31.00 -43.84 -14.43
CA ALA A 384 32.33 -43.25 -14.38
C ALA A 384 32.64 -42.65 -13.01
N PHE A 385 31.64 -42.01 -12.39
CA PHE A 385 31.85 -41.29 -11.15
C PHE A 385 31.35 -42.05 -9.93
N ASN A 386 31.04 -43.34 -10.11
CA ASN A 386 30.66 -44.24 -9.01
C ASN A 386 29.39 -43.81 -8.29
N ASN A 387 28.72 -42.77 -8.80
CA ASN A 387 27.48 -42.27 -8.23
C ASN A 387 27.68 -41.72 -6.83
N ASP A 388 28.62 -40.80 -6.70
CA ASP A 388 28.77 -40.09 -5.44
C ASP A 388 27.66 -39.05 -5.30
N ALA A 389 27.40 -38.66 -4.06
CA ALA A 389 26.31 -37.74 -3.79
C ALA A 389 26.52 -36.39 -4.48
N GLY A 390 27.76 -35.90 -4.45
CA GLY A 390 28.01 -34.58 -5.00
C GLY A 390 27.71 -34.48 -6.48
N PHE A 391 28.06 -35.52 -7.25
CA PHE A 391 27.85 -35.47 -8.69
C PHE A 391 26.38 -35.55 -9.06
N VAL A 392 25.63 -36.43 -8.39
CA VAL A 392 24.20 -36.47 -8.61
C VAL A 392 23.57 -35.14 -8.22
N ALA A 393 24.08 -34.52 -7.15
CA ALA A 393 23.60 -33.20 -6.78
C ALA A 393 23.84 -32.19 -7.89
N ALA A 394 25.02 -32.25 -8.51
CA ALA A 394 25.32 -31.34 -9.61
C ALA A 394 24.37 -31.56 -10.77
N LEU A 395 24.14 -32.82 -11.12
CA LEU A 395 23.24 -33.13 -12.24
C LEU A 395 21.86 -32.57 -11.97
N ASP A 396 21.36 -32.77 -10.76
CA ASP A 396 20.00 -32.34 -10.46
C ASP A 396 19.89 -30.83 -10.43
N LYS A 397 20.87 -30.14 -9.83
CA LYS A 397 20.82 -28.69 -9.82
C LYS A 397 20.83 -28.12 -11.24
N ALA A 398 21.68 -28.66 -12.10
CA ALA A 398 21.77 -28.12 -13.45
C ALA A 398 20.51 -28.42 -14.25
N CYS A 399 19.96 -29.63 -14.10
CA CYS A 399 18.72 -29.94 -14.82
C CYS A 399 17.60 -29.00 -14.39
N GLY A 400 17.47 -28.75 -13.09
CA GLY A 400 16.49 -27.76 -12.65
C GLY A 400 16.73 -26.41 -13.29
N ARG A 401 17.99 -25.97 -13.30
CA ARG A 401 18.32 -24.65 -13.83
C ARG A 401 17.94 -24.53 -15.30
N PHE A 402 18.30 -25.51 -16.13
CA PHE A 402 18.09 -25.33 -17.55
C PHE A 402 16.73 -25.84 -18.02
N ILE A 403 15.95 -26.45 -17.13
CA ILE A 403 14.54 -26.71 -17.46
C ILE A 403 13.68 -25.51 -17.15
N ASN A 404 13.92 -24.84 -16.02
CA ASN A 404 13.05 -23.71 -15.68
C ASN A 404 13.24 -22.51 -16.61
N ASN A 405 14.47 -22.13 -16.93
CA ASN A 405 14.72 -21.03 -17.86
C ASN A 405 15.58 -21.50 -19.02
N ASN A 406 15.17 -21.19 -20.23
CA ASN A 406 15.91 -21.59 -21.42
C ASN A 406 15.33 -20.83 -22.61
N ALA A 407 15.74 -21.23 -23.81
CA ALA A 407 15.37 -20.49 -25.02
C ALA A 407 13.86 -20.50 -25.24
N VAL A 408 13.22 -21.66 -25.04
CA VAL A 408 11.79 -21.75 -25.26
C VAL A 408 11.05 -20.86 -24.28
N THR A 409 11.52 -20.79 -23.03
CA THR A 409 10.90 -19.88 -22.07
C THR A 409 11.03 -18.44 -22.54
N LYS A 410 12.23 -18.04 -22.97
CA LYS A 410 12.48 -16.64 -23.29
C LYS A 410 11.73 -16.20 -24.54
N MET A 411 11.65 -17.08 -25.54
CA MET A 411 11.03 -16.70 -26.81
C MET A 411 9.56 -16.37 -26.64
N ALA A 412 8.84 -17.17 -25.85
CA ALA A 412 7.47 -16.84 -25.49
C ALA A 412 7.38 -16.00 -24.22
N GLN A 413 8.52 -15.70 -23.61
CA GLN A 413 8.62 -14.68 -22.56
C GLN A 413 7.76 -15.00 -21.34
N SER A 414 8.09 -16.12 -20.70
CA SER A 414 7.62 -16.45 -19.36
C SER A 414 8.33 -17.72 -18.92
N SER A 415 8.23 -18.02 -17.63
CA SER A 415 8.72 -19.27 -17.08
C SER A 415 7.65 -20.35 -17.02
N SER A 416 6.41 -20.01 -17.33
CA SER A 416 5.31 -20.98 -17.34
C SER A 416 5.02 -21.47 -18.74
N LYS A 417 6.05 -21.62 -19.56
CA LYS A 417 5.92 -22.25 -20.86
C LYS A 417 6.49 -23.66 -20.88
N SER A 418 7.32 -24.02 -19.91
CA SER A 418 7.75 -25.42 -19.81
C SER A 418 6.73 -26.32 -19.15
N PRO A 419 6.12 -25.98 -18.01
CA PRO A 419 5.08 -26.86 -17.48
C PRO A 419 3.89 -26.98 -18.39
N GLU A 420 3.54 -25.91 -19.10
CA GLU A 420 2.44 -25.99 -20.06
C GLU A 420 2.78 -26.96 -21.18
N LEU A 421 4.01 -26.91 -21.68
CA LEU A 421 4.40 -27.84 -22.74
C LEU A 421 4.41 -29.27 -22.25
N LEU A 422 4.85 -29.49 -21.01
CA LEU A 422 4.84 -30.85 -20.47
C LEU A 422 3.42 -31.36 -20.33
N ALA A 423 2.51 -30.53 -19.83
CA ALA A 423 1.11 -30.94 -19.73
C ALA A 423 0.54 -31.26 -21.10
N ARG A 424 0.85 -30.43 -22.09
CA ARG A 424 0.36 -30.68 -23.44
C ARG A 424 0.91 -31.98 -24.01
N TYR A 425 2.18 -32.28 -23.75
CA TYR A 425 2.72 -33.56 -24.20
C TYR A 425 2.01 -34.72 -23.55
N CYS A 426 1.75 -34.62 -22.24
CA CYS A 426 1.07 -35.71 -21.54
C CYS A 426 -0.33 -35.92 -22.10
N ASP A 427 -1.05 -34.84 -22.38
CA ASP A 427 -2.36 -34.96 -23.00
C ASP A 427 -2.26 -35.58 -24.38
N SER A 428 -1.39 -35.04 -25.23
CA SER A 428 -1.25 -35.55 -26.59
C SER A 428 -0.76 -36.98 -26.61
N LEU A 429 -0.24 -37.47 -25.51
CA LEU A 429 0.13 -38.87 -25.44
C LEU A 429 -1.02 -39.75 -24.96
N LEU A 430 -1.85 -39.25 -24.06
CA LEU A 430 -2.94 -40.07 -23.53
C LEU A 430 -4.22 -40.01 -24.36
N LYS A 431 -4.26 -39.20 -25.42
CA LYS A 431 -5.46 -39.16 -26.26
C LYS A 431 -5.59 -40.46 -27.04
N LYS A 432 -6.82 -40.76 -27.47
CA LYS A 432 -7.10 -41.95 -28.26
C LYS A 432 -6.99 -41.59 -29.73
N SER A 433 -5.85 -41.92 -30.32
CA SER A 433 -5.61 -41.65 -31.73
C SER A 433 -5.87 -42.90 -32.55
N SER A 434 -5.54 -42.85 -33.85
CA SER A 434 -5.68 -44.01 -34.72
C SER A 434 -4.77 -45.14 -34.26
N LYS A 435 -3.54 -44.80 -33.88
CA LYS A 435 -2.62 -45.79 -33.34
C LYS A 435 -3.08 -46.26 -31.97
N ASN A 436 -3.06 -47.58 -31.78
CA ASN A 436 -3.31 -48.20 -30.44
C ASN A 436 -1.99 -48.27 -29.68
N PRO A 437 -1.82 -47.55 -28.50
CA PRO A 437 -0.62 -47.54 -27.55
C PRO A 437 -0.46 -48.89 -26.83
N GLU A 438 0.75 -49.45 -26.84
CA GLU A 438 1.03 -50.74 -26.15
C GLU A 438 1.23 -50.46 -24.65
N GLU A 439 0.70 -51.34 -23.79
CA GLU A 439 0.69 -51.04 -22.37
C GLU A 439 2.11 -50.82 -21.85
N ALA A 440 3.05 -51.65 -22.29
CA ALA A 440 4.42 -51.52 -21.80
C ALA A 440 5.03 -50.18 -22.18
N GLU A 441 4.96 -49.82 -23.47
CA GLU A 441 5.61 -48.58 -23.88
C GLU A 441 4.88 -47.38 -23.32
N LEU A 442 3.56 -47.48 -23.15
CA LEU A 442 2.81 -46.41 -22.52
C LEU A 442 3.29 -46.19 -21.09
N GLU A 443 3.39 -47.27 -20.31
CA GLU A 443 3.84 -47.11 -18.94
C GLU A 443 5.25 -46.56 -18.89
N ASP A 444 6.12 -47.00 -19.78
CA ASP A 444 7.48 -46.49 -19.81
C ASP A 444 7.48 -44.98 -20.10
N THR A 445 6.68 -44.55 -21.07
CA THR A 445 6.75 -43.15 -21.45
C THR A 445 6.16 -42.27 -20.36
N LEU A 446 5.12 -42.76 -19.67
CA LEU A 446 4.60 -42.00 -18.54
C LEU A 446 5.64 -41.91 -17.42
N ASN A 447 6.38 -43.01 -17.19
CA ASN A 447 7.47 -42.95 -16.23
C ASN A 447 8.50 -41.88 -16.60
N GLN A 448 8.76 -41.69 -17.88
CA GLN A 448 9.71 -40.64 -18.24
C GLN A 448 9.13 -39.24 -18.05
N VAL A 449 7.85 -39.08 -18.38
CA VAL A 449 7.20 -37.79 -18.15
C VAL A 449 7.24 -37.44 -16.67
N MET A 450 7.16 -38.45 -15.80
CA MET A 450 7.23 -38.18 -14.37
C MET A 450 8.57 -37.58 -13.99
N VAL A 451 9.67 -38.06 -14.59
CA VAL A 451 10.98 -37.49 -14.32
C VAL A 451 11.01 -36.02 -14.72
N VAL A 452 10.67 -35.75 -15.98
CA VAL A 452 10.75 -34.36 -16.43
C VAL A 452 9.89 -33.48 -15.56
N PHE A 453 8.78 -34.01 -15.05
CA PHE A 453 7.94 -33.25 -14.14
C PHE A 453 8.66 -32.97 -12.84
N LYS A 454 9.25 -34.01 -12.23
CA LYS A 454 9.84 -33.83 -10.92
C LYS A 454 10.99 -32.85 -10.94
N TYR A 455 11.53 -32.51 -12.10
CA TYR A 455 12.52 -31.44 -12.07
C TYR A 455 11.93 -30.03 -12.08
N ILE A 456 10.70 -29.82 -12.56
CA ILE A 456 10.23 -28.44 -12.68
C ILE A 456 9.95 -27.86 -11.30
N GLU A 457 9.84 -26.55 -11.23
CA GLU A 457 9.84 -25.85 -9.95
C GLU A 457 8.52 -25.18 -9.62
N ASP A 458 7.58 -25.12 -10.54
CA ASP A 458 6.26 -24.54 -10.31
C ASP A 458 5.22 -25.62 -10.60
N LYS A 459 4.88 -26.39 -9.58
CA LYS A 459 4.01 -27.54 -9.76
C LYS A 459 2.53 -27.22 -9.55
N ASP A 460 2.14 -25.95 -9.69
CA ASP A 460 0.72 -25.59 -9.63
C ASP A 460 0.15 -25.24 -11.00
N VAL A 461 0.92 -24.52 -11.81
CA VAL A 461 0.51 -24.28 -13.19
C VAL A 461 0.32 -25.60 -13.92
N PHE A 462 1.21 -26.56 -13.66
CA PHE A 462 1.05 -27.88 -14.26
C PHE A 462 -0.25 -28.53 -13.84
N GLN A 463 -0.63 -28.38 -12.57
CA GLN A 463 -1.90 -28.94 -12.15
C GLN A 463 -3.07 -28.28 -12.86
N LYS A 464 -3.04 -26.95 -13.00
CA LYS A 464 -4.12 -26.28 -13.70
C LYS A 464 -4.28 -26.83 -15.11
N PHE A 465 -3.18 -26.88 -15.86
CA PHE A 465 -3.27 -27.30 -17.26
C PHE A 465 -3.68 -28.76 -17.37
N TYR A 466 -3.10 -29.63 -16.53
CA TYR A 466 -3.46 -31.03 -16.61
C TYR A 466 -4.91 -31.25 -16.23
N ALA A 467 -5.42 -30.52 -15.24
CA ALA A 467 -6.81 -30.66 -14.88
C ALA A 467 -7.71 -30.26 -16.03
N LYS A 468 -7.39 -29.14 -16.68
CA LYS A 468 -8.22 -28.70 -17.81
C LYS A 468 -8.27 -29.75 -18.90
N MET A 469 -7.11 -30.26 -19.31
CA MET A 469 -7.08 -31.21 -20.42
C MET A 469 -7.75 -32.53 -20.04
N LEU A 470 -7.56 -32.99 -18.81
CA LEU A 470 -8.20 -34.22 -18.38
C LEU A 470 -9.70 -34.06 -18.37
N ALA A 471 -10.19 -32.90 -17.94
CA ALA A 471 -11.62 -32.66 -17.98
C ALA A 471 -12.16 -32.75 -19.39
N LYS A 472 -11.46 -32.12 -20.34
CA LYS A 472 -11.93 -32.16 -21.73
C LYS A 472 -12.00 -33.60 -22.24
N ARG A 473 -10.92 -34.36 -22.07
CA ARG A 473 -10.92 -35.68 -22.70
C ARG A 473 -11.66 -36.72 -21.87
N LEU A 474 -12.14 -36.35 -20.69
CA LEU A 474 -13.10 -37.23 -20.02
C LEU A 474 -14.52 -36.93 -20.45
N VAL A 475 -14.87 -35.65 -20.57
CA VAL A 475 -16.22 -35.30 -21.00
C VAL A 475 -16.49 -35.82 -22.40
N HIS A 476 -15.56 -35.60 -23.33
CA HIS A 476 -15.82 -35.99 -24.71
C HIS A 476 -15.56 -37.46 -24.99
N GLN A 477 -15.45 -38.29 -23.95
CA GLN A 477 -15.29 -39.74 -24.09
C GLN A 477 -14.09 -40.11 -24.96
N ASN A 478 -13.12 -39.23 -25.07
CA ASN A 478 -12.00 -39.36 -26.01
C ASN A 478 -10.74 -39.61 -25.20
N SER A 479 -10.48 -40.87 -24.87
CA SER A 479 -9.35 -41.22 -24.02
C SER A 479 -8.78 -42.56 -24.46
N ALA A 480 -7.49 -42.75 -24.19
CA ALA A 480 -6.82 -43.97 -24.62
C ALA A 480 -7.12 -45.13 -23.67
N SER A 481 -6.75 -45.01 -22.41
CA SER A 481 -6.85 -46.14 -21.50
C SER A 481 -7.13 -45.65 -20.08
N ASP A 482 -8.22 -46.17 -19.49
CA ASP A 482 -8.57 -45.78 -18.13
C ASP A 482 -7.54 -46.27 -17.13
N ASP A 483 -6.93 -47.43 -17.40
CA ASP A 483 -5.81 -47.85 -16.57
C ASP A 483 -4.66 -46.87 -16.66
N ALA A 484 -4.40 -46.34 -17.85
CA ALA A 484 -3.34 -45.34 -17.99
C ALA A 484 -3.67 -44.08 -17.19
N GLU A 485 -4.91 -43.60 -17.29
CA GLU A 485 -5.29 -42.40 -16.53
C GLU A 485 -5.12 -42.63 -15.04
N ALA A 486 -5.58 -43.79 -14.56
CA ALA A 486 -5.45 -44.09 -13.14
C ALA A 486 -3.99 -44.16 -12.73
N SER A 487 -3.14 -44.74 -13.56
CA SER A 487 -1.73 -44.84 -13.21
C SER A 487 -1.07 -43.48 -13.14
N MET A 488 -1.38 -42.60 -14.09
CA MET A 488 -0.78 -41.27 -14.07
C MET A 488 -1.20 -40.51 -12.83
N ILE A 489 -2.49 -40.55 -12.49
CA ILE A 489 -2.94 -39.87 -11.28
C ILE A 489 -2.26 -40.48 -10.06
N SER A 490 -2.10 -41.79 -10.04
CA SER A 490 -1.47 -42.43 -8.89
C SER A 490 -0.03 -41.99 -8.70
N LYS A 491 0.74 -41.90 -9.78
CA LYS A 491 2.12 -41.50 -9.58
C LYS A 491 2.26 -40.01 -9.30
N LEU A 492 1.35 -39.18 -9.85
CA LEU A 492 1.35 -37.79 -9.42
C LEU A 492 1.08 -37.67 -7.93
N LYS A 493 0.13 -38.46 -7.43
CA LYS A 493 -0.17 -38.44 -6.00
C LYS A 493 1.03 -38.90 -5.19
N GLN A 494 1.73 -39.93 -5.66
CA GLN A 494 2.93 -40.37 -4.96
C GLN A 494 3.99 -39.27 -4.91
N ALA A 495 4.15 -38.53 -6.00
CA ALA A 495 5.20 -37.53 -6.05
C ALA A 495 4.82 -36.18 -5.44
N CYS A 496 3.55 -35.93 -5.14
CA CYS A 496 3.20 -34.65 -4.54
C CYS A 496 2.15 -34.68 -3.43
N GLY A 497 1.66 -35.85 -3.03
CA GLY A 497 0.82 -35.95 -1.86
C GLY A 497 -0.67 -35.94 -2.16
N PHE A 498 -1.45 -36.33 -1.15
CA PHE A 498 -2.89 -36.47 -1.31
C PHE A 498 -3.59 -35.15 -1.58
N GLU A 499 -3.06 -34.03 -1.08
CA GLU A 499 -3.74 -32.77 -1.30
C GLU A 499 -3.54 -32.25 -2.72
N TYR A 500 -2.44 -32.62 -3.35
CA TYR A 500 -2.16 -32.13 -4.69
C TYR A 500 -3.17 -32.65 -5.70
N THR A 501 -3.57 -33.91 -5.56
CA THR A 501 -4.38 -34.59 -6.56
C THR A 501 -5.71 -35.02 -5.99
N SER A 502 -6.39 -34.12 -5.29
CA SER A 502 -7.73 -34.44 -4.83
C SER A 502 -8.78 -34.11 -5.90
N LYS A 503 -8.58 -33.00 -6.59
CA LYS A 503 -9.52 -32.63 -7.64
C LYS A 503 -9.54 -33.65 -8.75
N LEU A 504 -8.37 -34.17 -9.15
CA LEU A 504 -8.33 -35.16 -10.20
C LEU A 504 -9.00 -36.46 -9.77
N GLN A 505 -8.78 -36.89 -8.52
CA GLN A 505 -9.43 -38.10 -8.04
C GLN A 505 -10.94 -37.95 -8.04
N ARG A 506 -11.45 -36.80 -7.58
CA ARG A 506 -12.89 -36.61 -7.63
C ARG A 506 -13.39 -36.55 -9.06
N MET A 507 -12.65 -35.87 -9.93
CA MET A 507 -13.03 -35.74 -11.32
C MET A 507 -13.10 -37.09 -12.02
N PHE A 508 -12.36 -38.07 -11.52
CA PHE A 508 -12.37 -39.40 -12.11
C PHE A 508 -13.48 -40.27 -11.52
N GLN A 509 -13.63 -40.25 -10.20
CA GLN A 509 -14.71 -41.00 -9.58
C GLN A 509 -16.06 -40.52 -10.03
N ASP A 510 -16.17 -39.26 -10.46
CA ASP A 510 -17.44 -38.80 -11.01
C ASP A 510 -17.82 -39.50 -12.29
N ILE A 511 -16.88 -39.73 -13.20
CA ILE A 511 -17.21 -40.49 -14.41
C ILE A 511 -17.55 -41.93 -14.03
N GLY A 512 -16.88 -42.46 -13.01
CA GLY A 512 -17.26 -43.80 -12.55
C GLY A 512 -18.70 -43.88 -12.07
N VAL A 513 -19.09 -42.93 -11.21
CA VAL A 513 -20.45 -42.93 -10.68
C VAL A 513 -21.46 -42.66 -11.78
N SER A 514 -21.11 -41.82 -12.75
CA SER A 514 -22.01 -41.60 -13.88
C SER A 514 -22.26 -42.88 -14.65
N LYS A 515 -21.20 -43.64 -14.91
CA LYS A 515 -21.36 -44.91 -15.61
C LYS A 515 -22.27 -45.84 -14.83
N ASP A 516 -22.09 -45.90 -13.51
CA ASP A 516 -22.96 -46.74 -12.70
C ASP A 516 -24.42 -46.27 -12.76
N LEU A 517 -24.64 -44.96 -12.62
CA LEU A 517 -25.99 -44.44 -12.51
C LEU A 517 -26.77 -44.58 -13.81
N ASN A 518 -26.08 -44.53 -14.95
CA ASN A 518 -26.78 -44.67 -16.21
C ASN A 518 -27.43 -46.05 -16.33
N GLU A 519 -26.77 -47.09 -15.83
CA GLU A 519 -27.37 -48.42 -15.85
C GLU A 519 -28.64 -48.48 -15.00
N GLN A 520 -28.61 -47.87 -13.82
CA GLN A 520 -29.81 -47.85 -13.00
C GLN A 520 -30.93 -47.09 -13.69
N PHE A 521 -30.59 -46.02 -14.40
CA PHE A 521 -31.62 -45.32 -15.16
C PHE A 521 -32.20 -46.21 -16.24
N LYS A 522 -31.34 -46.99 -16.91
CA LYS A 522 -31.85 -47.92 -17.92
C LYS A 522 -32.79 -48.94 -17.30
N LYS A 523 -32.44 -49.45 -16.12
CA LYS A 523 -33.30 -50.42 -15.43
C LYS A 523 -34.65 -49.80 -15.08
N HIS A 524 -34.62 -48.63 -14.45
CA HIS A 524 -35.85 -47.92 -14.12
C HIS A 524 -36.61 -47.49 -15.36
N LEU A 525 -35.95 -47.51 -16.52
CA LEU A 525 -36.56 -47.08 -17.77
C LEU A 525 -37.40 -48.16 -18.43
N THR A 526 -37.28 -49.41 -18.01
CA THR A 526 -38.08 -50.47 -18.59
C THR A 526 -39.57 -50.24 -18.41
N ASN A 527 -39.96 -49.45 -17.41
CA ASN A 527 -41.35 -49.23 -17.06
C ASN A 527 -41.82 -47.84 -17.44
N SER A 528 -41.00 -47.07 -18.16
CA SER A 528 -41.35 -45.70 -18.51
C SER A 528 -41.40 -45.41 -20.00
N GLU A 529 -40.86 -46.29 -20.85
CA GLU A 529 -41.03 -46.19 -22.30
C GLU A 529 -40.54 -44.85 -22.84
N PRO A 530 -39.20 -44.63 -22.95
CA PRO A 530 -38.62 -43.37 -23.42
C PRO A 530 -39.07 -43.09 -24.84
N LEU A 531 -39.53 -41.86 -25.06
CA LEU A 531 -40.39 -41.54 -26.20
C LEU A 531 -39.86 -42.09 -27.52
N ASP A 532 -38.72 -41.61 -27.99
CA ASP A 532 -38.18 -42.15 -29.22
C ASP A 532 -36.66 -42.24 -29.28
N LEU A 533 -35.98 -41.95 -28.25
CA LEU A 533 -34.56 -41.64 -28.29
C LEU A 533 -33.77 -42.52 -27.34
N ASP A 534 -32.51 -42.74 -27.70
CA ASP A 534 -31.54 -43.35 -26.80
C ASP A 534 -30.93 -42.24 -25.97
N PHE A 535 -31.00 -42.37 -24.65
CA PHE A 535 -30.60 -41.31 -23.75
C PHE A 535 -29.37 -41.74 -22.96
N SER A 536 -28.54 -40.78 -22.59
CA SER A 536 -27.37 -41.04 -21.78
C SER A 536 -26.92 -39.72 -21.20
N ILE A 537 -26.44 -39.75 -19.95
CA ILE A 537 -26.03 -38.52 -19.31
C ILE A 537 -24.77 -38.78 -18.50
N GLN A 538 -23.99 -37.73 -18.30
CA GLN A 538 -22.82 -37.76 -17.44
C GLN A 538 -22.97 -36.65 -16.41
N VAL A 539 -23.12 -37.03 -15.15
CA VAL A 539 -23.45 -36.11 -14.09
C VAL A 539 -22.18 -35.84 -13.29
N LEU A 540 -21.70 -34.61 -13.37
CA LEU A 540 -20.44 -34.20 -12.78
C LEU A 540 -20.68 -33.58 -11.40
N SER A 541 -19.60 -33.18 -10.75
CA SER A 541 -19.71 -32.41 -9.51
C SER A 541 -19.69 -30.92 -9.84
N SER A 542 -19.54 -30.07 -8.84
CA SER A 542 -19.55 -28.65 -9.09
C SER A 542 -18.23 -27.96 -8.84
N GLY A 543 -17.60 -28.19 -7.69
CA GLY A 543 -16.36 -27.52 -7.39
C GLY A 543 -15.16 -28.08 -8.13
N SER A 544 -15.23 -29.34 -8.52
CA SER A 544 -14.09 -30.02 -9.10
C SER A 544 -13.85 -29.59 -10.54
N TRP A 545 -14.85 -29.78 -11.39
CA TRP A 545 -14.67 -29.52 -12.81
C TRP A 545 -14.56 -28.03 -13.07
N PRO A 546 -13.81 -27.63 -14.09
CA PRO A 546 -13.74 -26.21 -14.48
C PRO A 546 -14.75 -25.84 -15.57
N PHE A 547 -16.02 -25.75 -15.20
CA PHE A 547 -17.06 -25.38 -16.15
C PHE A 547 -17.97 -24.32 -15.55
N GLN A 548 -18.47 -23.44 -16.41
CA GLN A 548 -19.38 -22.36 -16.02
C GLN A 548 -20.82 -22.77 -16.27
N GLN A 549 -21.74 -21.97 -15.77
CA GLN A 549 -23.11 -22.42 -15.55
C GLN A 549 -23.83 -22.85 -16.83
N SER A 550 -24.11 -21.92 -17.72
CA SER A 550 -24.93 -22.21 -18.89
C SER A 550 -24.90 -21.00 -19.80
N CYS A 551 -25.69 -21.04 -20.88
CA CYS A 551 -25.69 -19.96 -21.85
C CYS A 551 -27.11 -19.60 -22.31
N THR A 552 -28.07 -19.59 -21.39
CA THR A 552 -29.41 -19.06 -21.65
C THR A 552 -30.07 -19.78 -22.84
N PHE A 553 -30.34 -21.06 -22.65
CA PHE A 553 -30.93 -21.88 -23.69
C PHE A 553 -32.39 -22.20 -23.36
N ALA A 554 -33.20 -22.29 -24.42
CA ALA A 554 -34.60 -22.68 -24.31
C ALA A 554 -34.78 -24.03 -24.98
N LEU A 555 -35.10 -25.04 -24.20
CA LEU A 555 -35.10 -26.40 -24.71
C LEU A 555 -36.21 -26.58 -25.74
N PRO A 556 -35.98 -27.34 -26.81
CA PRO A 556 -37.07 -27.69 -27.71
C PRO A 556 -38.00 -28.70 -27.06
N SER A 557 -39.23 -28.78 -27.58
CA SER A 557 -40.21 -29.68 -27.01
C SER A 557 -39.94 -31.14 -27.34
N GLU A 558 -38.98 -31.40 -28.23
CA GLU A 558 -38.71 -32.78 -28.62
C GLU A 558 -38.06 -33.57 -27.50
N LEU A 559 -37.22 -32.93 -26.70
CA LEU A 559 -36.43 -33.60 -25.67
C LEU A 559 -37.06 -33.49 -24.28
N GLU A 560 -38.18 -32.79 -24.16
CA GLU A 560 -38.68 -32.37 -22.86
C GLU A 560 -39.07 -33.57 -22.00
N ARG A 561 -39.68 -34.58 -22.63
CA ARG A 561 -40.11 -35.75 -21.87
C ARG A 561 -38.92 -36.41 -21.19
N SER A 562 -37.85 -36.63 -21.93
CA SER A 562 -36.65 -37.23 -21.36
C SER A 562 -36.04 -36.34 -20.29
N TYR A 563 -35.97 -35.03 -20.55
CA TYR A 563 -35.40 -34.12 -19.58
C TYR A 563 -36.13 -34.20 -18.24
N GLN A 564 -37.45 -34.06 -18.28
CA GLN A 564 -38.23 -34.07 -17.04
C GLN A 564 -38.19 -35.44 -16.36
N ARG A 565 -38.26 -36.52 -17.15
CA ARG A 565 -38.25 -37.83 -16.51
C ARG A 565 -36.94 -38.08 -15.80
N PHE A 566 -35.81 -37.73 -16.42
CA PHE A 566 -34.54 -37.96 -15.72
C PHE A 566 -34.39 -37.04 -14.53
N THR A 567 -34.84 -35.79 -14.62
CA THR A 567 -34.66 -34.93 -13.45
C THR A 567 -35.51 -35.41 -12.28
N ALA A 568 -36.72 -35.92 -12.56
CA ALA A 568 -37.54 -36.46 -11.49
C ALA A 568 -36.96 -37.75 -10.93
N PHE A 569 -36.35 -38.57 -11.78
CA PHE A 569 -35.68 -39.76 -11.28
C PHE A 569 -34.51 -39.39 -10.38
N TYR A 570 -33.72 -38.39 -10.78
CA TYR A 570 -32.57 -38.00 -9.98
C TYR A 570 -32.99 -37.45 -8.64
N ALA A 571 -34.02 -36.61 -8.62
CA ALA A 571 -34.49 -36.07 -7.33
C ALA A 571 -34.96 -37.17 -6.40
N SER A 572 -35.30 -38.35 -6.92
CA SER A 572 -35.80 -39.43 -6.08
C SER A 572 -34.68 -40.06 -5.26
N ARG A 573 -33.54 -40.31 -5.88
CA ARG A 573 -32.49 -41.08 -5.22
C ARG A 573 -31.62 -40.25 -4.30
N HIS A 574 -31.85 -38.95 -4.18
CA HIS A 574 -31.00 -38.11 -3.36
C HIS A 574 -31.87 -37.07 -2.65
N SER A 575 -31.33 -36.51 -1.57
CA SER A 575 -32.17 -35.67 -0.71
C SER A 575 -32.39 -34.28 -1.31
N GLY A 576 -31.33 -33.49 -1.42
CA GLY A 576 -31.45 -32.21 -2.07
C GLY A 576 -30.27 -31.94 -2.98
N ARG A 577 -30.52 -31.86 -4.28
CA ARG A 577 -29.45 -31.73 -5.26
C ARG A 577 -30.06 -31.08 -6.48
N LYS A 578 -29.32 -30.16 -7.10
CA LYS A 578 -29.85 -29.32 -8.16
C LYS A 578 -28.99 -29.47 -9.39
N LEU A 579 -29.53 -30.13 -10.41
CA LEU A 579 -28.83 -30.26 -11.69
C LEU A 579 -28.93 -28.97 -12.48
N THR A 580 -27.81 -28.33 -12.76
CA THR A 580 -27.78 -27.17 -13.64
C THR A 580 -27.31 -27.65 -15.00
N TRP A 581 -28.26 -28.06 -15.83
CA TRP A 581 -27.91 -28.58 -17.15
C TRP A 581 -27.13 -27.53 -17.92
N LEU A 582 -26.12 -27.99 -18.66
CA LEU A 582 -25.33 -27.12 -19.52
C LEU A 582 -25.30 -27.77 -20.89
N TYR A 583 -26.03 -27.19 -21.84
CA TYR A 583 -26.16 -27.78 -23.16
C TYR A 583 -25.05 -27.35 -24.09
N GLN A 584 -24.21 -26.41 -23.70
CA GLN A 584 -23.21 -25.90 -24.63
C GLN A 584 -22.24 -26.98 -25.07
N LEU A 585 -22.07 -28.03 -24.28
CA LEU A 585 -21.20 -29.14 -24.63
C LEU A 585 -21.97 -30.45 -24.42
N SER A 586 -22.71 -30.82 -25.44
CA SER A 586 -23.51 -32.04 -25.45
C SER A 586 -23.89 -32.34 -26.89
N LYS A 587 -24.00 -33.61 -27.25
CA LYS A 587 -24.14 -34.01 -28.64
C LYS A 587 -25.16 -35.12 -28.79
N GLY A 588 -25.71 -35.25 -29.99
CA GLY A 588 -26.68 -36.28 -30.30
C GLY A 588 -26.58 -36.70 -31.74
N GLU A 589 -27.70 -37.14 -32.32
CA GLU A 589 -27.72 -37.65 -33.68
C GLU A 589 -29.10 -37.42 -34.29
N LEU A 590 -29.14 -36.83 -35.47
CA LEU A 590 -30.38 -36.62 -36.21
C LEU A 590 -30.57 -37.72 -37.23
N VAL A 591 -31.75 -37.77 -37.85
CA VAL A 591 -32.02 -38.77 -38.88
C VAL A 591 -32.51 -38.15 -40.19
N THR A 592 -32.91 -36.88 -40.17
CA THR A 592 -33.30 -36.09 -41.36
C THR A 592 -34.09 -36.92 -42.38
N ASN A 593 -35.19 -37.48 -41.91
CA ASN A 593 -36.09 -38.23 -42.78
C ASN A 593 -37.05 -37.30 -43.51
N CYS A 594 -36.48 -36.30 -44.18
CA CYS A 594 -37.25 -35.37 -45.00
C CYS A 594 -36.65 -35.15 -46.38
N PHE A 595 -35.36 -35.41 -46.56
CA PHE A 595 -34.68 -35.31 -47.84
C PHE A 595 -34.94 -36.56 -48.66
N LYS A 596 -34.15 -36.75 -49.70
CA LYS A 596 -34.39 -37.77 -50.71
C LYS A 596 -33.66 -39.08 -50.47
N ASN A 597 -32.62 -39.12 -49.63
CA ASN A 597 -31.80 -40.32 -49.54
C ASN A 597 -31.53 -40.82 -48.13
N ARG A 598 -32.26 -40.36 -47.12
CA ARG A 598 -32.19 -40.91 -45.77
C ARG A 598 -30.76 -40.81 -45.20
N TYR A 599 -30.35 -39.58 -44.96
CA TYR A 599 -29.05 -39.33 -44.33
C TYR A 599 -29.19 -39.55 -42.83
N THR A 600 -28.10 -39.30 -42.10
CA THR A 600 -28.12 -39.41 -40.64
C THR A 600 -27.09 -38.42 -40.10
N LEU A 601 -27.55 -37.27 -39.65
CA LEU A 601 -26.67 -36.20 -39.22
C LEU A 601 -26.19 -36.47 -37.79
N GLN A 602 -25.24 -35.65 -37.35
CA GLN A 602 -24.60 -35.87 -36.07
C GLN A 602 -24.03 -34.53 -35.60
N ALA A 603 -24.73 -33.86 -34.68
CA ALA A 603 -24.38 -32.48 -34.37
C ALA A 603 -24.69 -32.15 -32.92
N SER A 604 -24.44 -30.89 -32.57
CA SER A 604 -24.60 -30.42 -31.21
C SER A 604 -26.05 -30.00 -30.95
N THR A 605 -26.34 -29.72 -29.68
CA THR A 605 -27.70 -29.39 -29.28
C THR A 605 -28.17 -28.08 -29.90
N PHE A 606 -27.27 -27.12 -30.08
CA PHE A 606 -27.64 -25.90 -30.78
C PHE A 606 -28.08 -26.20 -32.21
N GLN A 607 -27.35 -27.08 -32.90
CA GLN A 607 -27.78 -27.53 -34.21
C GLN A 607 -29.15 -28.18 -34.13
N MET A 608 -29.39 -29.01 -33.11
CA MET A 608 -30.70 -29.64 -33.00
C MET A 608 -31.80 -28.60 -32.84
N ALA A 609 -31.58 -27.58 -32.00
CA ALA A 609 -32.58 -26.54 -31.84
C ALA A 609 -32.89 -25.90 -33.18
N ILE A 610 -31.84 -25.46 -33.89
CA ILE A 610 -32.08 -24.72 -35.13
C ILE A 610 -32.75 -25.59 -36.18
N LEU A 611 -32.22 -26.79 -36.41
CA LEU A 611 -32.79 -27.64 -37.46
C LEU A 611 -34.18 -28.15 -37.10
N LEU A 612 -34.42 -28.46 -35.83
CA LEU A 612 -35.76 -28.84 -35.42
C LEU A 612 -36.74 -27.68 -35.58
N GLN A 613 -36.25 -26.45 -35.48
CA GLN A 613 -37.12 -25.31 -35.72
C GLN A 613 -37.76 -25.38 -37.10
N TYR A 614 -36.99 -25.82 -38.10
CA TYR A 614 -37.46 -25.85 -39.47
C TYR A 614 -38.32 -27.05 -39.78
N ASN A 615 -38.86 -27.72 -38.75
CA ASN A 615 -39.78 -28.82 -39.01
C ASN A 615 -41.03 -28.35 -39.72
N THR A 616 -41.58 -27.20 -39.32
CA THR A 616 -42.82 -26.71 -39.90
C THR A 616 -42.59 -26.00 -41.23
N GLU A 617 -41.86 -24.88 -41.19
CA GLU A 617 -41.66 -24.08 -42.39
C GLU A 617 -40.19 -23.98 -42.74
N ASP A 618 -39.86 -23.13 -43.74
CA ASP A 618 -38.47 -22.91 -44.10
C ASP A 618 -38.19 -21.44 -44.42
N ALA A 619 -38.89 -20.51 -43.78
CA ALA A 619 -38.78 -19.09 -44.09
C ALA A 619 -38.62 -18.27 -42.83
N TYR A 620 -37.71 -18.70 -41.94
CA TYR A 620 -37.42 -17.95 -40.73
C TYR A 620 -36.20 -17.08 -40.95
N THR A 621 -36.12 -16.00 -40.18
CA THR A 621 -34.97 -15.11 -40.18
C THR A 621 -34.26 -15.19 -38.84
N VAL A 622 -33.17 -14.43 -38.71
CA VAL A 622 -32.37 -14.47 -37.49
C VAL A 622 -33.21 -14.01 -36.31
N GLN A 623 -33.97 -12.93 -36.47
CA GLN A 623 -34.84 -12.48 -35.40
C GLN A 623 -35.88 -13.53 -35.06
N GLN A 624 -36.52 -14.12 -36.07
CA GLN A 624 -37.52 -15.14 -35.82
C GLN A 624 -36.90 -16.34 -35.09
N LEU A 625 -35.66 -16.68 -35.42
CA LEU A 625 -34.98 -17.77 -34.73
C LEU A 625 -34.72 -17.44 -33.27
N THR A 626 -34.17 -16.26 -33.00
CA THR A 626 -33.90 -15.89 -31.61
C THR A 626 -35.20 -15.73 -30.82
N ASP A 627 -36.31 -15.53 -31.51
CA ASP A 627 -37.60 -15.49 -30.82
C ASP A 627 -37.95 -16.83 -30.19
N SER A 628 -37.54 -17.92 -30.83
CA SER A 628 -37.97 -19.25 -30.40
C SER A 628 -36.90 -20.02 -29.65
N THR A 629 -35.62 -19.81 -29.95
CA THR A 629 -34.56 -20.56 -29.30
C THR A 629 -33.87 -19.80 -28.18
N GLN A 630 -34.08 -18.50 -28.07
CA GLN A 630 -33.58 -17.68 -26.97
C GLN A 630 -32.05 -17.68 -26.90
N ILE A 631 -31.37 -18.19 -27.93
CA ILE A 631 -29.91 -18.19 -27.93
C ILE A 631 -29.38 -16.77 -28.09
N LYS A 632 -28.19 -16.55 -27.57
CA LYS A 632 -27.52 -15.26 -27.68
C LYS A 632 -27.09 -14.99 -29.12
N MET A 633 -26.92 -13.70 -29.43
CA MET A 633 -26.64 -13.26 -30.78
C MET A 633 -25.34 -13.86 -31.31
N ASP A 634 -24.26 -13.76 -30.53
CA ASP A 634 -22.95 -14.17 -31.02
C ASP A 634 -22.91 -15.67 -31.29
N ILE A 635 -23.42 -16.47 -30.35
CA ILE A 635 -23.40 -17.92 -30.52
C ILE A 635 -24.32 -18.31 -31.67
N LEU A 636 -25.47 -17.64 -31.80
CA LEU A 636 -26.34 -17.93 -32.93
C LEU A 636 -25.64 -17.63 -34.25
N ALA A 637 -24.90 -16.53 -34.31
CA ALA A 637 -24.17 -16.18 -35.52
C ALA A 637 -23.12 -17.24 -35.83
N GLN A 638 -22.38 -17.68 -34.82
CA GLN A 638 -21.36 -18.70 -35.04
C GLN A 638 -21.98 -19.99 -35.57
N VAL A 639 -23.06 -20.43 -34.94
CA VAL A 639 -23.68 -21.69 -35.34
C VAL A 639 -24.26 -21.57 -36.74
N LEU A 640 -24.93 -20.45 -37.03
CA LEU A 640 -25.49 -20.24 -38.35
C LEU A 640 -24.39 -20.25 -39.40
N GLN A 641 -23.26 -19.61 -39.11
CA GLN A 641 -22.16 -19.61 -40.06
C GLN A 641 -21.64 -21.01 -40.30
N ILE A 642 -21.50 -21.81 -39.24
CA ILE A 642 -20.96 -23.15 -39.41
C ILE A 642 -21.92 -24.03 -40.22
N LEU A 643 -23.23 -23.89 -39.98
CA LEU A 643 -24.20 -24.60 -40.82
C LEU A 643 -24.14 -24.12 -42.26
N LEU A 644 -24.04 -22.80 -42.46
CA LEU A 644 -24.03 -22.27 -43.81
C LEU A 644 -22.77 -22.66 -44.56
N LYS A 645 -21.69 -22.99 -43.84
CA LYS A 645 -20.52 -23.56 -44.49
C LYS A 645 -20.89 -24.87 -45.17
N SER A 646 -21.68 -25.70 -44.51
CA SER A 646 -22.24 -26.87 -45.18
C SER A 646 -23.37 -26.43 -46.11
N LYS A 647 -23.75 -27.32 -47.01
CA LYS A 647 -24.74 -27.02 -48.03
C LYS A 647 -26.18 -27.29 -47.55
N LEU A 648 -26.38 -27.49 -46.24
CA LEU A 648 -27.73 -27.71 -45.74
C LEU A 648 -28.55 -26.43 -45.72
N LEU A 649 -27.95 -25.31 -45.32
CA LEU A 649 -28.64 -24.05 -45.23
C LEU A 649 -27.95 -23.03 -46.12
N VAL A 650 -28.76 -22.24 -46.83
CA VAL A 650 -28.27 -21.31 -47.84
C VAL A 650 -28.97 -19.96 -47.69
N LEU A 651 -28.20 -18.90 -47.88
CA LEU A 651 -28.74 -17.55 -47.89
C LEU A 651 -29.58 -17.34 -49.15
N GLU A 652 -30.13 -16.14 -49.31
CA GLU A 652 -30.85 -15.84 -50.54
C GLU A 652 -29.92 -15.88 -51.74
N ASP A 653 -28.71 -15.36 -51.59
CA ASP A 653 -27.66 -15.56 -52.58
C ASP A 653 -27.23 -17.01 -52.59
N GLU A 654 -26.75 -17.46 -53.74
CA GLU A 654 -26.32 -18.84 -53.92
C GLU A 654 -24.82 -19.02 -53.84
N ASN A 655 -24.04 -18.02 -54.27
CA ASN A 655 -22.58 -18.11 -54.27
C ASN A 655 -21.94 -17.24 -53.19
N ALA A 656 -22.69 -16.85 -52.17
CA ALA A 656 -22.17 -15.94 -51.16
C ALA A 656 -21.08 -16.59 -50.34
N ASN A 657 -20.01 -15.83 -50.09
CA ASN A 657 -18.90 -16.28 -49.27
C ASN A 657 -19.34 -16.24 -47.81
N VAL A 658 -20.11 -17.27 -47.43
CA VAL A 658 -20.71 -17.33 -46.10
C VAL A 658 -19.67 -17.38 -44.99
N ASP A 659 -18.40 -17.60 -45.35
CA ASP A 659 -17.35 -17.66 -44.34
C ASP A 659 -17.07 -16.31 -43.72
N GLU A 660 -17.38 -15.21 -44.41
CA GLU A 660 -17.04 -13.88 -43.92
C GLU A 660 -18.21 -12.91 -43.93
N VAL A 661 -19.20 -13.11 -44.79
CA VAL A 661 -20.32 -12.18 -44.87
C VAL A 661 -21.15 -12.31 -43.59
N GLU A 662 -21.24 -11.23 -42.83
CA GLU A 662 -22.08 -11.23 -41.64
C GLU A 662 -23.47 -10.70 -41.98
N LEU A 663 -24.47 -11.23 -41.28
CA LEU A 663 -25.86 -11.00 -41.64
C LEU A 663 -26.55 -10.16 -40.58
N LYS A 664 -27.65 -9.54 -40.99
CA LYS A 664 -28.40 -8.62 -40.16
C LYS A 664 -29.65 -9.30 -39.62
N PRO A 665 -30.25 -8.78 -38.55
CA PRO A 665 -31.47 -9.42 -38.02
C PRO A 665 -32.59 -9.57 -39.02
N ASP A 666 -32.67 -8.70 -40.03
CA ASP A 666 -33.64 -8.86 -41.11
C ASP A 666 -32.98 -9.50 -42.34
N THR A 667 -32.58 -10.76 -42.18
CA THR A 667 -31.97 -11.52 -43.27
C THR A 667 -32.56 -12.92 -43.28
N LEU A 668 -32.97 -13.37 -44.46
CA LEU A 668 -33.61 -14.68 -44.59
C LEU A 668 -32.57 -15.80 -44.50
N ILE A 669 -33.05 -16.98 -44.10
CA ILE A 669 -32.31 -18.23 -44.18
C ILE A 669 -33.22 -19.26 -44.83
N LYS A 670 -32.74 -19.89 -45.89
CA LYS A 670 -33.53 -20.85 -46.65
C LYS A 670 -33.00 -22.26 -46.41
N LEU A 671 -33.91 -23.19 -46.14
CA LEU A 671 -33.57 -24.60 -46.11
C LEU A 671 -33.29 -25.07 -47.53
N TYR A 672 -32.15 -25.74 -47.74
CA TYR A 672 -31.75 -26.19 -49.07
C TYR A 672 -32.25 -27.61 -49.26
N LEU A 673 -33.28 -27.76 -50.07
CA LEU A 673 -34.00 -29.03 -50.17
C LEU A 673 -33.25 -30.08 -50.98
N GLY A 674 -32.31 -29.68 -51.83
CA GLY A 674 -31.65 -30.63 -52.70
C GLY A 674 -30.28 -31.10 -52.25
N TYR A 675 -29.94 -30.91 -50.98
CA TYR A 675 -28.59 -31.23 -50.51
C TYR A 675 -28.29 -32.72 -50.71
N LYS A 676 -27.03 -33.00 -51.03
CA LYS A 676 -26.60 -34.38 -51.29
C LYS A 676 -25.16 -34.51 -50.81
N ASN A 677 -24.89 -35.56 -50.03
CA ASN A 677 -23.53 -35.85 -49.63
C ASN A 677 -23.06 -37.16 -50.26
N LYS A 678 -21.76 -37.24 -50.51
CA LYS A 678 -21.21 -38.39 -51.22
C LYS A 678 -21.28 -39.66 -50.38
N LYS A 679 -21.55 -39.52 -49.09
CA LYS A 679 -21.64 -40.67 -48.18
C LYS A 679 -22.79 -40.47 -47.20
N LEU A 680 -22.83 -41.35 -46.20
CA LEU A 680 -23.80 -41.28 -45.11
C LEU A 680 -23.09 -40.95 -43.81
N ARG A 681 -23.89 -40.72 -42.76
CA ARG A 681 -23.36 -40.44 -41.42
C ARG A 681 -22.38 -39.26 -41.43
N VAL A 682 -22.92 -38.10 -41.79
CA VAL A 682 -22.11 -36.89 -41.84
C VAL A 682 -21.77 -36.46 -40.43
N ASN A 683 -20.67 -35.73 -40.28
CA ASN A 683 -20.24 -35.19 -38.99
C ASN A 683 -20.21 -33.67 -39.13
N ILE A 684 -21.36 -33.04 -38.90
CA ILE A 684 -21.50 -31.59 -39.11
C ILE A 684 -21.15 -30.92 -37.78
N ASN A 685 -19.85 -30.70 -37.58
CA ASN A 685 -19.36 -30.13 -36.34
C ASN A 685 -17.96 -29.57 -36.57
N VAL A 686 -17.52 -28.74 -35.64
CA VAL A 686 -16.17 -28.18 -35.70
C VAL A 686 -15.23 -28.91 -34.77
N GLU A 705 -3.58 8.85 -12.65
CA GLU A 705 -3.92 8.70 -14.05
C GLU A 705 -4.95 9.75 -14.51
N ASP A 706 -5.00 9.96 -15.82
CA ASP A 706 -5.98 10.89 -16.39
C ASP A 706 -7.40 10.49 -16.04
N ARG A 707 -7.68 9.18 -16.04
CA ARG A 707 -9.01 8.71 -15.68
C ARG A 707 -9.33 9.01 -14.22
N LYS A 708 -8.34 8.86 -13.34
CA LYS A 708 -8.53 9.23 -11.94
C LYS A 708 -8.78 10.72 -11.80
N LEU A 709 -8.07 11.54 -12.57
CA LEU A 709 -8.29 12.99 -12.53
C LEU A 709 -9.72 13.33 -12.96
N LEU A 710 -10.21 12.66 -14.00
CA LEU A 710 -11.61 12.82 -14.40
C LEU A 710 -12.57 12.39 -13.28
N ILE A 711 -12.25 11.27 -12.61
CA ILE A 711 -13.09 10.83 -11.49
C ILE A 711 -13.19 11.96 -10.46
N GLN A 712 -12.05 12.54 -10.10
CA GLN A 712 -12.03 13.57 -9.07
C GLN A 712 -12.76 14.82 -9.52
N ALA A 713 -12.59 15.20 -10.79
CA ALA A 713 -13.31 16.37 -11.31
C ALA A 713 -14.81 16.17 -11.21
N ALA A 714 -15.29 14.99 -11.60
CA ALA A 714 -16.73 14.71 -11.49
C ALA A 714 -17.18 14.72 -10.03
N ILE A 715 -16.36 14.14 -9.15
CA ILE A 715 -16.72 14.10 -7.73
C ILE A 715 -16.94 15.51 -7.21
N VAL A 716 -15.98 16.40 -7.46
CA VAL A 716 -16.09 17.76 -6.93
C VAL A 716 -17.21 18.52 -7.62
N ARG A 717 -17.43 18.29 -8.92
CA ARG A 717 -18.50 18.97 -9.63
C ARG A 717 -19.86 18.63 -9.03
N ILE A 718 -20.14 17.33 -8.87
CA ILE A 718 -21.42 16.93 -8.33
C ILE A 718 -21.51 17.30 -6.85
N MET A 719 -20.38 17.35 -6.15
CA MET A 719 -20.38 17.79 -4.76
C MET A 719 -20.84 19.24 -4.63
N LYS A 720 -20.27 20.13 -5.46
CA LYS A 720 -20.67 21.52 -5.39
C LYS A 720 -22.08 21.72 -5.95
N MET A 721 -22.53 20.83 -6.82
CA MET A 721 -23.90 20.91 -7.29
C MET A 721 -24.89 20.57 -6.18
N ARG A 722 -24.67 19.46 -5.49
CA ARG A 722 -25.44 19.09 -4.29
C ARG A 722 -24.43 18.77 -3.19
N LYS A 723 -24.19 19.73 -2.30
CA LYS A 723 -23.31 19.56 -1.15
C LYS A 723 -23.50 18.22 -0.44
N VAL A 724 -24.72 17.93 -0.01
CA VAL A 724 -25.01 16.73 0.76
C VAL A 724 -25.71 15.71 -0.12
N LEU A 725 -25.19 14.48 -0.15
CA LEU A 725 -25.76 13.41 -0.95
C LEU A 725 -25.06 12.10 -0.59
N LYS A 726 -25.71 10.99 -0.93
CA LYS A 726 -25.31 9.67 -0.45
C LYS A 726 -24.27 9.03 -1.37
N HIS A 727 -23.53 8.05 -0.83
CA HIS A 727 -22.44 7.40 -1.54
C HIS A 727 -22.91 6.70 -2.81
N GLN A 728 -23.93 5.84 -2.70
CA GLN A 728 -24.37 5.07 -3.85
C GLN A 728 -24.95 5.96 -4.93
N GLN A 729 -25.72 6.97 -4.52
CA GLN A 729 -26.25 7.94 -5.47
C GLN A 729 -25.12 8.71 -6.15
N LEU A 730 -24.08 9.05 -5.40
CA LEU A 730 -22.91 9.68 -5.99
C LEU A 730 -22.26 8.77 -7.02
N LEU A 731 -22.18 7.47 -6.72
CA LEU A 731 -21.61 6.52 -7.67
C LEU A 731 -22.42 6.50 -8.96
N GLY A 732 -23.75 6.46 -8.84
CA GLY A 732 -24.59 6.50 -10.02
C GLY A 732 -24.40 7.78 -10.82
N GLU A 733 -24.32 8.92 -10.13
CA GLU A 733 -24.22 10.19 -10.83
C GLU A 733 -22.88 10.35 -11.53
N VAL A 734 -21.79 9.93 -10.88
CA VAL A 734 -20.49 10.01 -11.53
C VAL A 734 -20.42 9.04 -12.70
N LEU A 735 -21.07 7.88 -12.58
CA LEU A 735 -21.13 6.96 -13.71
C LEU A 735 -21.88 7.59 -14.88
N THR A 736 -22.97 8.30 -14.60
CA THR A 736 -23.68 9.02 -15.66
C THR A 736 -22.81 10.10 -16.29
N GLN A 737 -22.06 10.83 -15.48
CA GLN A 737 -21.24 11.92 -15.99
C GLN A 737 -20.08 11.41 -16.84
N LEU A 738 -19.55 10.23 -16.50
CA LEU A 738 -18.43 9.66 -17.23
C LEU A 738 -18.82 8.53 -18.16
N SER A 739 -20.12 8.33 -18.41
CA SER A 739 -20.54 7.25 -19.30
C SER A 739 -19.98 7.42 -20.70
N SER A 740 -19.97 8.65 -21.22
CA SER A 740 -19.44 8.89 -22.55
C SER A 740 -17.93 8.71 -22.63
N ARG A 741 -17.24 8.57 -21.50
CA ARG A 741 -15.79 8.46 -21.46
C ARG A 741 -15.34 7.05 -21.10
N PHE A 742 -15.73 6.55 -19.93
CA PHE A 742 -15.30 5.26 -19.43
C PHE A 742 -16.04 4.96 -18.14
N LYS A 743 -16.14 3.67 -17.81
CA LYS A 743 -16.81 3.21 -16.60
C LYS A 743 -15.74 2.74 -15.62
N PRO A 744 -15.22 3.64 -14.77
CA PRO A 744 -14.22 3.22 -13.79
C PRO A 744 -14.80 2.20 -12.83
N ARG A 745 -13.94 1.30 -12.37
CA ARG A 745 -14.37 0.29 -11.42
C ARG A 745 -14.80 0.92 -10.12
N VAL A 746 -15.82 0.32 -9.48
CA VAL A 746 -16.29 0.84 -8.20
C VAL A 746 -15.18 0.90 -7.15
N PRO A 747 -14.29 -0.09 -7.02
CA PRO A 747 -13.14 0.11 -6.12
C PRO A 747 -12.29 1.31 -6.48
N VAL A 748 -12.10 1.58 -7.77
CA VAL A 748 -11.32 2.75 -8.18
C VAL A 748 -12.03 4.03 -7.77
N ILE A 749 -13.34 4.08 -7.94
CA ILE A 749 -14.09 5.28 -7.55
C ILE A 749 -14.02 5.49 -6.04
N LYS A 750 -14.15 4.41 -5.26
CA LYS A 750 -14.02 4.52 -3.81
C LYS A 750 -12.63 5.00 -3.43
N LYS A 751 -11.60 4.47 -4.09
CA LYS A 751 -10.23 4.90 -3.83
C LYS A 751 -10.06 6.39 -4.11
N CYS A 752 -10.56 6.86 -5.25
CA CYS A 752 -10.43 8.28 -5.56
C CYS A 752 -11.20 9.12 -4.57
N ILE A 753 -12.35 8.64 -4.11
CA ILE A 753 -13.10 9.34 -3.07
C ILE A 753 -12.23 9.49 -1.82
N ASP A 754 -11.57 8.42 -1.42
CA ASP A 754 -10.71 8.47 -0.24
C ASP A 754 -9.51 9.40 -0.44
N ILE A 755 -8.91 9.38 -1.63
CA ILE A 755 -7.79 10.29 -1.90
C ILE A 755 -8.25 11.73 -1.82
N LEU A 756 -9.44 12.03 -2.37
CA LEU A 756 -9.96 13.38 -2.30
C LEU A 756 -10.32 13.77 -0.87
N ILE A 757 -10.75 12.79 -0.06
CA ILE A 757 -10.99 13.07 1.36
C ILE A 757 -9.69 13.48 2.03
N GLU A 758 -8.60 12.75 1.75
CA GLU A 758 -7.35 13.06 2.43
C GLU A 758 -6.63 14.23 1.76
N LYS A 759 -7.12 14.69 0.61
CA LYS A 759 -6.61 15.89 -0.04
C LYS A 759 -7.41 17.13 0.29
N GLU A 760 -8.39 17.03 1.19
CA GLU A 760 -9.09 18.17 1.78
C GLU A 760 -9.94 18.92 0.74
N TYR A 761 -10.76 18.17 0.00
CA TYR A 761 -11.86 18.73 -0.77
C TYR A 761 -13.23 18.23 -0.32
N LEU A 762 -13.27 17.20 0.52
CA LEU A 762 -14.51 16.77 1.15
C LEU A 762 -14.16 16.02 2.42
N GLU A 763 -15.18 15.83 3.26
CA GLU A 763 -15.04 15.00 4.45
C GLU A 763 -16.39 14.38 4.75
N ARG A 764 -16.37 13.08 5.04
CA ARG A 764 -17.59 12.39 5.42
C ARG A 764 -18.20 13.04 6.65
N VAL A 765 -19.53 13.20 6.63
CA VAL A 765 -20.19 13.92 7.71
C VAL A 765 -19.94 13.18 9.03
N ASP A 766 -20.03 13.92 10.13
CA ASP A 766 -19.68 13.38 11.42
C ASP A 766 -20.78 12.46 11.94
N GLY A 767 -20.43 11.21 12.18
CA GLY A 767 -21.36 10.24 12.73
C GLY A 767 -21.90 9.22 11.75
N GLU A 768 -21.69 9.41 10.45
CA GLU A 768 -22.19 8.50 9.43
C GLU A 768 -21.04 7.99 8.58
N LYS A 769 -21.09 6.70 8.23
CA LYS A 769 -20.01 6.09 7.47
C LYS A 769 -20.00 6.57 6.01
N ASP A 770 -21.18 6.73 5.40
CA ASP A 770 -21.29 7.09 3.98
C ASP A 770 -22.23 8.29 3.82
N THR A 771 -21.68 9.49 3.98
CA THR A 771 -22.36 10.73 3.62
C THR A 771 -21.32 11.85 3.52
N TYR A 772 -21.24 12.51 2.36
CA TYR A 772 -20.15 13.42 2.06
C TYR A 772 -20.65 14.85 2.04
N SER A 773 -19.99 15.71 2.80
CA SER A 773 -20.28 17.12 2.86
C SER A 773 -19.18 17.91 2.16
N TYR A 774 -19.54 19.06 1.61
CA TYR A 774 -18.60 19.89 0.89
C TYR A 774 -17.63 20.57 1.86
N LEU A 775 -16.34 20.34 1.66
CA LEU A 775 -15.33 21.07 2.42
C LEU A 775 -15.36 22.54 2.04
N ALA A 776 -15.39 23.39 3.06
CA ALA A 776 -15.42 24.84 2.83
C ALA A 776 -14.04 25.45 3.08
N ASP B 98 -2.07 -2.27 -7.99
CA ASP B 98 -0.63 -2.18 -7.74
C ASP B 98 -0.30 -1.04 -6.78
N TYR B 99 0.96 -0.94 -6.40
CA TYR B 99 1.45 0.13 -5.54
C TYR B 99 2.80 0.59 -6.10
N ARG B 100 2.76 1.64 -6.93
CA ARG B 100 3.96 2.13 -7.60
C ARG B 100 4.78 2.98 -6.65
N TYR B 101 6.02 2.57 -6.39
CA TYR B 101 6.92 3.33 -5.53
C TYR B 101 8.32 3.27 -6.14
N GLU B 102 9.30 3.73 -5.39
CA GLU B 102 10.63 3.96 -5.92
C GLU B 102 11.59 4.13 -4.75
N VAL B 103 12.89 4.04 -5.03
CA VAL B 103 13.93 4.20 -4.03
C VAL B 103 15.00 5.12 -4.60
N LEU B 104 15.47 6.06 -3.78
CA LEU B 104 16.47 7.03 -4.18
C LEU B 104 17.54 7.14 -3.11
N THR B 105 18.50 8.03 -3.35
CA THR B 105 19.50 8.39 -2.36
C THR B 105 19.49 9.91 -2.19
N ALA B 106 20.42 10.40 -1.35
CA ALA B 106 20.41 11.82 -1.02
C ALA B 106 20.61 12.69 -2.25
N GLU B 107 21.51 12.29 -3.16
CA GLU B 107 21.78 13.13 -4.32
C GLU B 107 20.57 13.19 -5.25
N GLN B 108 19.90 12.06 -5.48
CA GLN B 108 18.72 12.09 -6.35
C GLN B 108 17.57 12.83 -5.69
N ILE B 109 17.40 12.67 -4.37
CA ILE B 109 16.33 13.38 -3.70
C ILE B 109 16.62 14.87 -3.66
N LEU B 110 17.89 15.25 -3.74
CA LEU B 110 18.21 16.67 -3.84
C LEU B 110 17.95 17.18 -5.25
N GLN B 111 18.28 16.39 -6.27
CA GLN B 111 18.11 16.88 -7.63
C GLN B 111 16.64 16.93 -8.03
N HIS B 112 15.82 16.04 -7.49
CA HIS B 112 14.40 16.08 -7.77
C HIS B 112 13.78 17.38 -7.30
N MET B 113 14.44 18.09 -6.38
CA MET B 113 13.95 19.39 -5.96
C MET B 113 14.05 20.39 -7.10
N VAL B 114 15.22 20.50 -7.73
CA VAL B 114 15.32 21.41 -8.88
C VAL B 114 14.45 20.92 -10.02
N GLU B 115 14.23 19.61 -10.10
CA GLU B 115 13.27 19.09 -11.07
C GLU B 115 11.89 19.69 -10.85
N CYS B 116 11.38 19.63 -9.63
CA CYS B 116 10.06 20.19 -9.33
C CYS B 116 10.05 21.70 -9.54
N ILE B 117 11.15 22.36 -9.19
CA ILE B 117 11.25 23.80 -9.41
C ILE B 117 11.07 24.12 -10.89
N ARG B 118 11.74 23.36 -11.76
CA ARG B 118 11.57 23.58 -13.19
C ARG B 118 10.14 23.30 -13.64
N GLU B 119 9.55 22.22 -13.13
CA GLU B 119 8.19 21.88 -13.53
C GLU B 119 7.22 23.02 -13.24
N VAL B 120 7.27 23.57 -12.02
CA VAL B 120 6.35 24.65 -11.68
C VAL B 120 6.73 25.95 -12.40
N ASN B 121 8.02 26.25 -12.49
CA ASN B 121 8.41 27.50 -13.12
C ASN B 121 8.17 27.49 -14.61
N GLU B 122 7.89 26.33 -15.21
CA GLU B 122 7.46 26.31 -16.60
C GLU B 122 6.30 27.27 -16.82
N VAL B 123 5.35 27.30 -15.89
CA VAL B 123 4.11 28.03 -16.07
C VAL B 123 4.06 29.25 -15.16
N ILE B 124 4.87 29.26 -14.09
CA ILE B 124 4.90 30.46 -13.25
C ILE B 124 5.66 31.59 -13.94
N GLN B 125 6.82 31.28 -14.51
CA GLN B 125 7.72 32.25 -15.14
C GLN B 125 8.23 33.28 -14.12
N ASN B 126 8.92 32.76 -13.11
CA ASN B 126 9.65 33.53 -12.10
C ASN B 126 11.04 32.93 -11.93
N PRO B 127 11.98 33.68 -11.37
CA PRO B 127 13.30 33.12 -11.11
C PRO B 127 13.24 31.94 -10.14
N ALA B 128 14.30 31.15 -10.12
CA ALA B 128 14.28 29.88 -9.41
C ALA B 128 14.15 30.08 -7.90
N THR B 129 14.84 31.09 -7.36
CA THR B 129 14.82 31.30 -5.91
C THR B 129 13.40 31.58 -5.44
N ILE B 130 12.67 32.43 -6.16
CA ILE B 130 11.31 32.76 -5.78
C ILE B 130 10.44 31.53 -5.82
N THR B 131 10.59 30.72 -6.87
CA THR B 131 9.80 29.50 -6.98
C THR B 131 10.08 28.56 -5.82
N ARG B 132 11.35 28.43 -5.45
CA ARG B 132 11.69 27.53 -4.34
C ARG B 132 11.08 28.01 -3.04
N ILE B 133 11.15 29.31 -2.78
CA ILE B 133 10.55 29.83 -1.56
C ILE B 133 9.05 29.56 -1.55
N LEU B 134 8.35 29.92 -2.62
CA LEU B 134 6.90 29.77 -2.64
C LEU B 134 6.51 28.31 -2.48
N LEU B 135 7.19 27.42 -3.20
CA LEU B 135 6.84 26.01 -3.13
C LEU B 135 7.12 25.44 -1.74
N SER B 136 8.25 25.84 -1.13
CA SER B 136 8.58 25.34 0.19
C SER B 136 7.59 25.82 1.24
N HIS B 137 6.91 26.94 0.98
CA HIS B 137 5.86 27.34 1.92
C HIS B 137 4.62 26.47 1.81
N PHE B 138 4.47 25.68 0.74
CA PHE B 138 3.25 24.93 0.51
C PHE B 138 3.46 23.42 0.63
N ASN B 139 4.47 23.01 1.39
CA ASN B 139 4.72 21.59 1.65
C ASN B 139 4.95 20.80 0.37
N TRP B 140 5.52 21.44 -0.65
CA TRP B 140 5.84 20.79 -1.92
C TRP B 140 4.61 20.09 -2.49
N ASP B 141 3.61 20.88 -2.82
CA ASP B 141 2.40 20.40 -3.49
C ASP B 141 2.15 21.34 -4.67
N LYS B 142 2.28 20.82 -5.88
CA LYS B 142 2.26 21.70 -7.05
C LYS B 142 0.91 22.40 -7.22
N GLU B 143 -0.18 21.65 -7.23
CA GLU B 143 -1.46 22.23 -7.59
C GLU B 143 -1.96 23.21 -6.54
N LYS B 144 -1.62 22.99 -5.27
CA LYS B 144 -1.97 23.97 -4.25
C LYS B 144 -1.32 25.31 -4.55
N LEU B 145 -0.03 25.30 -4.91
CA LEU B 145 0.63 26.54 -5.29
C LEU B 145 -0.03 27.14 -6.52
N MET B 146 -0.39 26.30 -7.50
CA MET B 146 -1.02 26.83 -8.70
C MET B 146 -2.30 27.58 -8.37
N GLU B 147 -3.18 26.96 -7.59
CA GLU B 147 -4.48 27.55 -7.33
C GLU B 147 -4.36 28.76 -6.41
N ARG B 148 -3.46 28.71 -5.43
CA ARG B 148 -3.32 29.85 -4.53
C ARG B 148 -2.61 31.02 -5.20
N TYR B 149 -1.76 30.76 -6.19
CA TYR B 149 -1.13 31.83 -6.95
C TYR B 149 -2.09 32.42 -7.97
N PHE B 150 -2.96 31.61 -8.55
CA PHE B 150 -3.82 32.04 -9.64
C PHE B 150 -5.27 32.25 -9.21
N ASP B 151 -5.54 32.32 -7.91
CA ASP B 151 -6.88 32.60 -7.43
C ASP B 151 -7.18 34.09 -7.31
N GLY B 152 -6.19 34.94 -7.50
CA GLY B 152 -6.41 36.36 -7.31
C GLY B 152 -5.14 37.18 -7.22
N ASN B 153 -5.06 38.04 -6.20
CA ASN B 153 -3.96 38.97 -6.08
C ASN B 153 -2.65 38.26 -5.72
N LEU B 154 -1.56 38.90 -6.10
CA LEU B 154 -0.20 38.42 -5.82
C LEU B 154 0.42 39.02 -4.58
N GLU B 155 0.38 40.36 -4.44
CA GLU B 155 1.13 41.02 -3.39
C GLU B 155 0.75 40.50 -2.01
N LYS B 156 -0.50 40.10 -1.81
CA LYS B 156 -0.88 39.46 -0.55
C LYS B 156 -0.13 38.16 -0.35
N LEU B 157 0.00 37.37 -1.42
CA LEU B 157 0.76 36.12 -1.32
C LEU B 157 2.23 36.40 -1.04
N PHE B 158 2.81 37.37 -1.73
CA PHE B 158 4.23 37.67 -1.54
C PHE B 158 4.50 38.14 -0.12
N ALA B 159 3.60 38.93 0.44
CA ALA B 159 3.71 39.27 1.86
C ALA B 159 3.45 38.06 2.75
N GLU B 160 2.69 37.08 2.26
CA GLU B 160 2.45 35.85 2.99
C GLU B 160 3.58 34.83 2.80
N CYS B 161 4.55 35.12 1.95
CA CYS B 161 5.66 34.21 1.70
C CYS B 161 7.03 34.86 1.89
N HIS B 162 7.08 36.15 2.19
CA HIS B 162 8.31 36.84 2.61
C HIS B 162 9.31 36.96 1.45
N VAL B 163 8.84 37.35 0.28
CA VAL B 163 9.68 37.26 -0.91
C VAL B 163 9.94 38.60 -1.56
N ILE B 164 9.01 39.54 -1.40
CA ILE B 164 8.90 40.75 -2.23
C ILE B 164 9.36 40.50 -3.66
N MET B 184 30.56 55.55 4.86
CA MET B 184 29.49 54.74 5.44
C MET B 184 30.04 53.41 5.96
N PRO B 185 29.97 53.22 7.27
CA PRO B 185 30.48 51.98 7.87
C PRO B 185 29.39 50.92 8.03
N CYS B 186 29.85 49.70 8.27
CA CYS B 186 28.93 48.59 8.50
C CYS B 186 28.15 48.80 9.79
N GLN B 187 26.93 48.29 9.81
CA GLN B 187 26.09 48.37 11.01
C GLN B 187 26.34 47.22 11.96
N ILE B 188 27.29 46.35 11.66
CA ILE B 188 27.54 45.19 12.50
C ILE B 188 28.94 45.26 13.10
N CYS B 189 29.94 45.49 12.26
CA CYS B 189 31.31 45.60 12.75
C CYS B 189 31.79 47.04 12.92
N TYR B 190 30.99 48.02 12.50
CA TYR B 190 31.30 49.44 12.63
C TYR B 190 32.66 49.81 12.05
N LEU B 191 33.03 49.24 10.91
CA LEU B 191 34.25 49.62 10.23
C LEU B 191 33.94 50.10 8.82
N ASN B 192 34.86 50.86 8.25
CA ASN B 192 34.73 51.40 6.91
C ASN B 192 35.28 50.40 5.90
N TYR B 193 34.69 50.40 4.70
CA TYR B 193 35.04 49.45 3.66
C TYR B 193 34.73 50.07 2.32
N PRO B 194 35.31 49.55 1.24
CA PRO B 194 34.94 50.02 -0.11
C PRO B 194 33.51 49.63 -0.46
N ASN B 195 32.95 50.36 -1.42
CA ASN B 195 31.62 50.02 -1.92
C ASN B 195 31.58 48.63 -2.53
N SER B 196 32.73 48.10 -2.96
CA SER B 196 32.78 46.72 -3.42
C SER B 196 32.62 45.73 -2.27
N TYR B 197 32.68 46.20 -1.02
CA TYR B 197 32.49 45.35 0.13
C TYR B 197 31.12 45.50 0.78
N PHE B 198 30.09 45.80 0.01
CA PHE B 198 28.72 45.86 0.52
C PHE B 198 27.80 45.04 -0.36
N THR B 199 27.00 44.18 0.27
CA THR B 199 26.01 43.41 -0.46
C THR B 199 24.82 43.14 0.46
N GLY B 200 23.65 42.99 -0.15
CA GLY B 200 22.44 42.75 0.59
C GLY B 200 21.35 42.23 -0.32
N LEU B 201 20.29 41.75 0.31
CA LEU B 201 19.17 41.19 -0.42
C LEU B 201 18.38 42.28 -1.12
N GLU B 202 17.27 41.87 -1.73
CA GLU B 202 16.44 42.80 -2.50
C GLU B 202 15.53 43.66 -1.63
N CYS B 203 15.58 43.49 -0.31
CA CYS B 203 14.81 44.36 0.58
C CYS B 203 15.45 45.75 0.70
N GLY B 204 16.77 45.84 0.58
CA GLY B 204 17.42 47.14 0.58
C GLY B 204 18.55 47.29 1.58
N HIS B 205 18.55 46.47 2.63
CA HIS B 205 19.57 46.58 3.66
C HIS B 205 20.93 46.13 3.13
N LYS B 206 22.00 46.78 3.60
CA LYS B 206 23.34 46.57 3.06
C LYS B 206 24.34 46.36 4.20
N PHE B 207 25.05 45.24 4.15
CA PHE B 207 26.08 44.86 5.11
C PHE B 207 27.35 44.44 4.37
N CYS B 208 28.32 43.89 5.11
CA CYS B 208 29.59 43.47 4.54
C CYS B 208 29.75 41.96 4.63
N MET B 209 30.62 41.43 3.76
CA MET B 209 30.67 39.99 3.55
C MET B 209 31.35 39.25 4.70
N GLN B 210 32.19 39.93 5.47
CA GLN B 210 32.72 39.29 6.66
C GLN B 210 31.60 39.00 7.65
N CYS B 211 30.78 40.00 7.94
CA CYS B 211 29.64 39.79 8.82
C CYS B 211 28.66 38.81 8.22
N TRP B 212 28.44 38.87 6.91
CA TRP B 212 27.57 37.90 6.26
C TRP B 212 28.08 36.48 6.50
N SER B 213 29.37 36.26 6.26
CA SER B 213 29.93 34.92 6.38
C SER B 213 29.82 34.42 7.82
N GLU B 214 30.15 35.27 8.78
CA GLU B 214 30.12 34.79 10.17
C GLU B 214 28.68 34.55 10.62
N TYR B 215 27.76 35.42 10.22
CA TYR B 215 26.36 35.26 10.60
C TYR B 215 25.79 33.95 10.05
N LEU B 216 25.98 33.71 8.75
CA LEU B 216 25.48 32.47 8.17
C LEU B 216 26.16 31.25 8.77
N THR B 217 27.46 31.34 9.01
CA THR B 217 28.21 30.21 9.54
C THR B 217 27.70 29.85 10.93
N THR B 218 27.59 30.84 11.82
CA THR B 218 27.12 30.54 13.16
C THR B 218 25.69 30.04 13.13
N LYS B 219 24.85 30.62 12.26
CA LYS B 219 23.46 30.19 12.19
C LYS B 219 23.38 28.71 11.83
N ILE B 220 24.03 28.30 10.74
CA ILE B 220 23.81 26.97 10.21
C ILE B 220 24.75 25.94 10.81
N MET B 221 25.65 26.38 11.71
CA MET B 221 26.51 25.44 12.39
C MET B 221 26.28 25.34 13.89
N GLU B 222 25.56 26.29 14.50
CA GLU B 222 25.25 26.21 15.91
C GLU B 222 23.77 26.33 16.22
N GLU B 223 22.92 26.58 15.22
CA GLU B 223 21.49 26.65 15.46
C GLU B 223 20.69 25.66 14.64
N GLY B 224 21.26 25.12 13.57
CA GLY B 224 20.58 24.15 12.76
C GLY B 224 19.50 24.69 11.86
N MET B 225 19.24 25.99 11.90
CA MET B 225 18.24 26.60 11.02
C MET B 225 18.81 26.60 9.62
N GLY B 226 18.39 25.64 8.81
CA GLY B 226 18.93 25.52 7.48
C GLY B 226 18.20 26.35 6.44
N GLN B 227 16.87 26.28 6.44
CA GLN B 227 16.13 26.88 5.35
C GLN B 227 15.55 28.24 5.70
N THR B 228 15.18 28.45 6.96
CA THR B 228 14.48 29.66 7.39
C THR B 228 15.49 30.65 7.95
N ILE B 229 16.29 31.24 7.07
CA ILE B 229 17.32 32.19 7.45
C ILE B 229 16.92 33.55 6.93
N SER B 230 16.84 34.53 7.83
CA SER B 230 16.25 35.82 7.52
C SER B 230 17.32 36.91 7.41
N CYS B 231 16.89 38.07 6.94
CA CYS B 231 17.79 39.19 6.76
C CYS B 231 18.29 39.67 8.11
N PRO B 232 19.58 40.00 8.24
CA PRO B 232 20.12 40.36 9.56
C PRO B 232 19.50 41.60 10.18
N ALA B 233 19.16 42.61 9.40
CA ALA B 233 18.80 43.91 9.98
C ALA B 233 17.54 43.80 10.82
N HIS B 234 17.39 44.74 11.74
CA HIS B 234 16.29 44.70 12.70
C HIS B 234 14.94 44.85 11.99
N GLY B 235 13.96 44.09 12.45
CA GLY B 235 12.61 44.22 11.94
C GLY B 235 12.35 43.51 10.63
N CYS B 236 13.39 43.32 9.82
CA CYS B 236 13.21 42.70 8.52
C CYS B 236 12.84 41.23 8.67
N ASP B 237 12.18 40.70 7.65
CA ASP B 237 11.85 39.29 7.62
C ASP B 237 12.06 38.67 6.25
N ILE B 238 12.61 39.41 5.29
CA ILE B 238 12.88 38.88 3.97
C ILE B 238 13.91 37.77 4.08
N LEU B 239 13.50 36.55 3.81
CA LEU B 239 14.42 35.44 4.05
C LEU B 239 15.38 35.29 2.88
N VAL B 240 16.42 34.50 3.12
CA VAL B 240 17.58 34.41 2.23
C VAL B 240 17.44 33.17 1.37
N ASP B 241 17.73 33.32 0.08
CA ASP B 241 17.52 32.27 -0.90
C ASP B 241 18.65 31.25 -0.82
N ASP B 242 18.75 30.39 -1.82
CA ASP B 242 19.83 29.41 -1.86
C ASP B 242 21.08 29.99 -2.51
N ASN B 243 20.90 30.76 -3.58
CA ASN B 243 22.04 31.28 -4.34
C ASN B 243 22.89 32.20 -3.48
N THR B 244 22.27 33.06 -2.68
CA THR B 244 23.05 33.96 -1.83
C THR B 244 23.83 33.19 -0.78
N VAL B 245 23.20 32.19 -0.16
CA VAL B 245 23.90 31.36 0.81
C VAL B 245 25.11 30.70 0.19
N MET B 246 24.97 30.21 -1.04
CA MET B 246 26.12 29.62 -1.71
C MET B 246 27.15 30.67 -2.11
N ARG B 247 26.70 31.89 -2.36
CA ARG B 247 27.61 32.93 -2.85
C ARG B 247 28.38 33.64 -1.74
N LEU B 248 27.98 33.48 -0.48
CA LEU B 248 28.67 34.19 0.58
C LEU B 248 29.67 33.32 1.37
N ILE B 249 29.22 32.17 1.88
CA ILE B 249 30.13 31.34 2.66
C ILE B 249 31.25 30.82 1.76
N THR B 250 32.38 30.50 2.39
CA THR B 250 33.56 30.02 1.68
C THR B 250 34.00 28.62 2.07
N ASP B 251 33.72 28.18 3.30
CA ASP B 251 34.10 26.84 3.71
C ASP B 251 33.32 25.81 2.89
N SER B 252 33.83 24.58 2.88
CA SER B 252 33.18 23.48 2.19
C SER B 252 32.35 22.60 3.12
N LYS B 253 32.86 22.33 4.33
CA LYS B 253 32.10 21.50 5.25
C LYS B 253 30.81 22.21 5.67
N VAL B 254 30.87 23.52 5.88
CA VAL B 254 29.68 24.30 6.16
C VAL B 254 28.68 24.16 5.02
N LYS B 255 29.16 24.25 3.79
CA LYS B 255 28.27 24.11 2.63
C LYS B 255 27.60 22.75 2.62
N LEU B 256 28.37 21.68 2.88
CA LEU B 256 27.77 20.35 2.86
C LEU B 256 26.77 20.18 4.00
N LYS B 257 27.04 20.80 5.15
CA LYS B 257 26.08 20.76 6.24
C LYS B 257 24.78 21.45 5.84
N TYR B 258 24.88 22.60 5.17
CA TYR B 258 23.68 23.28 4.70
C TYR B 258 22.89 22.40 3.74
N GLN B 259 23.59 21.74 2.83
CA GLN B 259 22.90 20.86 1.89
C GLN B 259 22.17 19.75 2.64
N HIS B 260 22.84 19.14 3.62
CA HIS B 260 22.20 18.07 4.36
C HIS B 260 20.96 18.57 5.09
N LEU B 261 21.04 19.75 5.69
CA LEU B 261 19.89 20.28 6.41
C LEU B 261 18.71 20.53 5.49
N ILE B 262 18.95 21.16 4.34
CA ILE B 262 17.81 21.44 3.47
C ILE B 262 17.25 20.15 2.89
N THR B 263 18.09 19.15 2.66
CA THR B 263 17.58 17.87 2.17
C THR B 263 16.69 17.20 3.21
N ASN B 264 17.12 17.22 4.47
CA ASN B 264 16.30 16.64 5.53
C ASN B 264 14.97 17.38 5.66
N SER B 265 15.00 18.71 5.54
CA SER B 265 13.76 19.47 5.55
C SER B 265 12.85 19.07 4.39
N PHE B 266 13.42 18.92 3.19
CA PHE B 266 12.61 18.55 2.04
C PHE B 266 11.93 17.22 2.24
N VAL B 267 12.64 16.26 2.82
CA VAL B 267 12.03 14.95 3.04
C VAL B 267 10.93 15.05 4.09
N GLU B 268 11.22 15.69 5.22
CA GLU B 268 10.28 15.63 6.33
C GLU B 268 9.02 16.44 6.04
N CYS B 269 9.14 17.53 5.28
CA CYS B 269 7.98 18.38 5.03
C CYS B 269 7.04 17.73 4.02
N ASN B 270 7.60 16.93 3.11
CA ASN B 270 6.80 16.30 2.06
C ASN B 270 6.12 15.05 2.60
N ARG B 271 4.97 14.72 2.00
CA ARG B 271 4.16 13.61 2.44
C ARG B 271 4.21 12.43 1.47
N LEU B 272 5.11 12.47 0.50
CA LEU B 272 5.31 11.36 -0.42
C LEU B 272 6.65 10.67 -0.21
N LEU B 273 7.45 11.13 0.74
CA LEU B 273 8.77 10.59 0.99
C LEU B 273 8.86 10.11 2.43
N LYS B 274 9.82 9.23 2.69
CA LYS B 274 9.96 8.64 4.01
C LYS B 274 11.32 7.98 4.10
N TRP B 275 12.11 8.33 5.12
CA TRP B 275 13.38 7.66 5.33
C TRP B 275 13.13 6.23 5.77
N CYS B 276 14.00 5.33 5.33
CA CYS B 276 13.90 3.94 5.78
C CYS B 276 14.27 3.84 7.26
N PRO B 277 13.52 3.11 8.07
CA PRO B 277 13.84 2.99 9.49
C PRO B 277 15.08 2.16 9.80
N ALA B 278 15.71 1.53 8.81
CA ALA B 278 16.84 0.68 9.10
C ALA B 278 17.98 1.51 9.71
N PRO B 279 18.73 0.94 10.64
CA PRO B 279 19.71 1.73 11.39
C PRO B 279 20.74 2.45 10.54
N ASP B 280 20.91 2.07 9.28
CA ASP B 280 21.81 2.83 8.43
C ASP B 280 21.35 3.00 6.99
N CYS B 281 20.17 2.54 6.62
CA CYS B 281 19.73 2.73 5.24
C CYS B 281 19.55 4.22 4.98
N HIS B 282 20.17 4.70 3.90
CA HIS B 282 20.07 6.10 3.51
C HIS B 282 19.31 6.10 2.19
N HIS B 283 17.99 6.02 2.27
CA HIS B 283 17.16 5.89 1.09
C HIS B 283 15.79 6.45 1.43
N VAL B 284 15.18 7.14 0.49
CA VAL B 284 13.84 7.65 0.65
C VAL B 284 12.93 6.86 -0.27
N VAL B 285 11.75 6.50 0.23
CA VAL B 285 10.80 5.69 -0.52
C VAL B 285 9.78 6.65 -1.11
N LYS B 286 10.06 7.14 -2.30
CA LYS B 286 9.15 8.04 -3.00
C LYS B 286 7.99 7.26 -3.59
N VAL B 287 6.77 7.67 -3.24
CA VAL B 287 5.57 6.97 -3.66
C VAL B 287 4.58 8.00 -4.19
N GLN B 288 3.53 7.51 -4.86
CA GLN B 288 2.55 8.40 -5.44
C GLN B 288 1.45 8.81 -4.46
N TYR B 289 1.07 7.93 -3.53
CA TYR B 289 0.03 8.26 -2.56
C TYR B 289 0.00 7.21 -1.46
N PRO B 290 -0.18 7.62 -0.20
CA PRO B 290 0.04 6.73 0.95
C PRO B 290 -1.22 5.98 1.34
N ASP B 291 -1.13 4.65 1.45
CA ASP B 291 -2.29 3.85 1.82
C ASP B 291 -1.97 2.73 2.81
N ALA B 292 -0.85 2.81 3.52
CA ALA B 292 -0.43 1.74 4.41
C ALA B 292 -0.24 0.42 3.67
N LYS B 293 0.36 0.48 2.49
CA LYS B 293 0.70 -0.71 1.73
C LYS B 293 2.21 -0.95 1.79
N PRO B 294 2.62 -2.17 2.11
CA PRO B 294 4.04 -2.43 2.37
C PRO B 294 4.90 -2.21 1.12
N VAL B 295 6.10 -1.70 1.36
CA VAL B 295 7.09 -1.48 0.31
C VAL B 295 8.43 -1.98 0.84
N ARG B 296 9.37 -2.18 -0.09
CA ARG B 296 10.72 -2.63 0.23
C ARG B 296 11.71 -1.70 -0.45
N CYS B 297 12.80 -1.37 0.23
CA CYS B 297 13.68 -0.33 -0.31
C CYS B 297 15.12 -0.76 -0.48
N LYS B 298 15.37 -1.98 -0.93
CA LYS B 298 16.66 -2.47 -1.43
C LYS B 298 17.72 -2.56 -0.33
N CYS B 299 17.44 -2.14 0.90
CA CYS B 299 18.37 -2.46 1.97
C CYS B 299 18.03 -3.79 2.62
N GLY B 300 16.97 -4.46 2.17
CA GLY B 300 16.53 -5.71 2.76
C GLY B 300 15.43 -5.57 3.77
N ARG B 301 14.79 -4.41 3.88
CA ARG B 301 13.74 -4.17 4.86
C ARG B 301 12.46 -3.76 4.16
N GLN B 302 11.33 -4.28 4.65
CA GLN B 302 10.02 -3.91 4.16
C GLN B 302 9.20 -3.39 5.34
N PHE B 303 8.48 -2.30 5.12
CA PHE B 303 7.81 -1.61 6.22
C PHE B 303 6.51 -0.99 5.71
N CYS B 304 5.61 -0.72 6.65
CA CYS B 304 4.33 -0.10 6.32
C CYS B 304 4.57 1.38 6.08
N PHE B 305 4.32 1.84 4.85
CA PHE B 305 4.72 3.19 4.48
C PHE B 305 4.00 4.25 5.30
N ASN B 306 2.91 3.89 5.96
CA ASN B 306 2.11 4.91 6.64
C ASN B 306 2.42 4.99 8.12
N CYS B 307 2.92 3.91 8.72
CA CYS B 307 3.17 3.96 10.16
C CYS B 307 4.62 3.65 10.50
N GLY B 308 5.37 3.07 9.57
CA GLY B 308 6.80 2.88 9.77
C GLY B 308 7.18 1.57 10.44
N GLU B 309 6.20 0.83 10.93
CA GLU B 309 6.47 -0.46 11.55
C GLU B 309 6.77 -1.50 10.48
N ASN B 310 6.96 -2.74 10.91
CA ASN B 310 7.01 -3.82 9.94
C ASN B 310 5.61 -4.08 9.38
N TRP B 311 5.55 -4.82 8.28
CA TRP B 311 4.26 -5.03 7.64
C TRP B 311 3.36 -5.88 8.53
N HIS B 312 2.11 -5.45 8.65
CA HIS B 312 1.11 -6.07 9.52
C HIS B 312 -0.12 -6.30 8.65
N ASP B 313 -0.36 -7.55 8.24
CA ASP B 313 -1.35 -7.74 7.19
C ASP B 313 -2.78 -7.58 7.66
N PRO B 314 -3.26 -8.32 8.65
CA PRO B 314 -4.69 -8.20 8.99
C PRO B 314 -5.02 -6.97 9.82
N VAL B 315 -4.15 -6.58 10.75
CA VAL B 315 -4.48 -5.57 11.75
C VAL B 315 -4.26 -4.16 11.19
N LYS B 316 -5.08 -3.22 11.66
CA LYS B 316 -4.99 -1.83 11.28
C LYS B 316 -3.88 -1.13 12.05
N CYS B 317 -3.44 0.01 11.52
CA CYS B 317 -2.26 0.68 12.08
C CYS B 317 -2.51 1.18 13.50
N LYS B 318 -3.67 1.79 13.73
CA LYS B 318 -3.90 2.43 15.03
C LYS B 318 -3.93 1.43 16.17
N TRP B 319 -4.55 0.27 15.96
CA TRP B 319 -4.52 -0.73 17.01
C TRP B 319 -3.12 -1.26 17.21
N LEU B 320 -2.31 -1.30 16.15
CA LEU B 320 -0.92 -1.70 16.34
C LEU B 320 -0.18 -0.71 17.21
N LYS B 321 -0.41 0.60 17.01
CA LYS B 321 0.24 1.58 17.86
C LYS B 321 -0.19 1.43 19.31
N LYS B 322 -1.52 1.34 19.53
CA LYS B 322 -2.02 1.20 20.88
C LYS B 322 -1.48 -0.04 21.57
N TRP B 323 -1.23 -1.10 20.82
CA TRP B 323 -0.69 -2.30 21.43
C TRP B 323 0.82 -2.23 21.63
N ILE B 324 1.53 -1.52 20.75
CA ILE B 324 2.98 -1.49 20.83
C ILE B 324 3.48 -0.47 21.83
N LYS B 325 2.65 0.52 22.21
CA LYS B 325 3.03 1.40 23.30
C LYS B 325 3.23 0.62 24.59
N LYS B 326 2.23 -0.18 24.96
CA LYS B 326 2.23 -0.94 26.20
C LYS B 326 2.49 -2.42 25.97
N CYS B 327 3.40 -2.76 25.05
CA CYS B 327 3.69 -4.15 24.74
C CYS B 327 4.00 -4.98 25.99
N ASP B 328 4.36 -4.31 27.09
CA ASP B 328 4.38 -4.77 28.48
C ASP B 328 5.53 -5.71 28.82
N ASP B 329 6.33 -6.17 27.86
CA ASP B 329 7.45 -7.05 28.22
C ASP B 329 8.72 -6.78 27.41
N ASP B 330 8.84 -5.63 26.75
CA ASP B 330 10.01 -5.32 25.96
C ASP B 330 10.65 -3.96 26.27
N SER B 331 9.85 -2.95 26.60
CA SER B 331 10.39 -1.60 26.76
C SER B 331 9.62 -0.86 27.84
N GLU B 332 10.27 0.13 28.43
CA GLU B 332 9.69 0.98 29.46
C GLU B 332 9.75 2.47 29.13
N THR B 333 10.53 2.87 28.14
CA THR B 333 10.63 4.30 27.83
C THR B 333 9.30 4.87 27.35
N SER B 334 8.42 4.02 26.83
CA SER B 334 7.09 4.48 26.44
C SER B 334 6.32 4.98 27.65
N ASN B 335 6.48 4.31 28.79
CA ASN B 335 5.84 4.77 30.02
C ASN B 335 6.32 6.17 30.38
N TRP B 336 7.63 6.39 30.32
CA TRP B 336 8.17 7.71 30.58
C TRP B 336 7.60 8.74 29.61
N ILE B 337 7.58 8.39 28.32
CA ILE B 337 7.12 9.33 27.30
C ILE B 337 5.68 9.74 27.55
N ALA B 338 4.85 8.77 27.92
CA ALA B 338 3.45 9.10 28.24
C ALA B 338 3.34 9.91 29.50
N ALA B 339 4.19 9.64 30.49
CA ALA B 339 4.05 10.29 31.79
C ALA B 339 4.67 11.68 31.86
N ASN B 340 5.51 12.05 30.90
CA ASN B 340 6.22 13.32 31.02
C ASN B 340 6.24 14.15 29.73
N THR B 341 5.60 13.70 28.65
CA THR B 341 5.66 14.43 27.40
C THR B 341 4.32 14.42 26.70
N LYS B 342 3.92 15.59 26.23
CA LYS B 342 2.82 15.76 25.30
C LYS B 342 3.40 15.65 23.88
N GLU B 343 2.60 16.03 22.89
CA GLU B 343 3.05 16.07 21.50
C GLU B 343 2.65 17.39 20.88
N CYS B 344 3.49 17.91 20.00
CA CYS B 344 3.14 19.15 19.31
C CYS B 344 1.91 18.89 18.46
N PRO B 345 0.87 19.73 18.56
CA PRO B 345 -0.30 19.54 17.71
C PRO B 345 0.00 19.64 16.23
N LYS B 346 0.96 20.47 15.83
CA LYS B 346 1.22 20.68 14.41
C LYS B 346 2.14 19.61 13.83
N CYS B 347 3.37 19.52 14.34
CA CYS B 347 4.39 18.66 13.72
C CYS B 347 4.49 17.28 14.34
N HIS B 348 3.81 17.04 15.46
CA HIS B 348 3.73 15.72 16.08
C HIS B 348 5.12 15.18 16.45
N VAL B 349 5.77 15.87 17.37
CA VAL B 349 7.03 15.43 17.95
C VAL B 349 6.87 15.41 19.47
N THR B 350 7.46 14.40 20.10
CA THR B 350 7.38 14.30 21.55
C THR B 350 8.20 15.41 22.19
N ILE B 351 7.56 16.19 23.07
CA ILE B 351 8.17 17.37 23.65
C ILE B 351 8.08 17.29 25.16
N GLU B 352 9.21 17.48 25.84
CA GLU B 352 9.26 17.58 27.28
C GLU B 352 9.52 19.03 27.67
N LYS B 353 8.69 19.56 28.56
CA LYS B 353 8.75 20.96 28.95
C LYS B 353 9.42 21.10 30.30
N ASP B 354 10.29 22.10 30.42
CA ASP B 354 10.88 22.46 31.71
C ASP B 354 10.98 23.97 31.86
N GLY B 355 10.06 24.71 31.26
CA GLY B 355 9.98 26.15 31.42
C GLY B 355 8.76 26.53 32.23
N GLY B 356 8.42 27.81 32.26
CA GLY B 356 7.33 28.23 33.11
C GLY B 356 6.30 29.15 32.48
N CYS B 357 6.60 29.71 31.30
CA CYS B 357 5.69 30.70 30.72
C CYS B 357 4.36 30.08 30.33
N ASN B 358 4.35 28.76 30.07
CA ASN B 358 3.24 28.03 29.44
C ASN B 358 3.02 28.45 28.00
N HIS B 359 3.84 29.36 27.47
CA HIS B 359 3.69 29.88 26.11
C HIS B 359 4.68 29.19 25.17
N MET B 360 4.47 27.89 24.99
CA MET B 360 5.43 27.08 24.24
C MET B 360 5.48 27.50 22.77
N VAL B 361 6.69 27.46 22.21
CA VAL B 361 6.92 27.71 20.79
C VAL B 361 7.72 26.53 20.24
N CYS B 362 7.17 25.85 19.23
CA CYS B 362 7.77 24.61 18.74
C CYS B 362 9.06 24.95 18.00
N ARG B 363 10.19 24.65 18.62
CA ARG B 363 11.50 24.92 18.02
C ARG B 363 11.98 23.74 17.18
N ASN B 364 11.13 23.29 16.26
CA ASN B 364 11.53 22.28 15.29
C ASN B 364 12.23 22.99 14.14
N GLN B 365 12.49 22.26 13.05
CA GLN B 365 13.14 22.87 11.90
C GLN B 365 12.25 23.94 11.28
N ASN B 366 11.01 23.60 10.96
CA ASN B 366 10.10 24.51 10.27
C ASN B 366 8.69 24.41 10.81
N CYS B 367 8.55 24.11 12.10
CA CYS B 367 7.23 24.04 12.74
C CYS B 367 7.13 25.16 13.75
N LYS B 368 7.51 26.37 13.36
CA LYS B 368 7.56 27.46 14.32
C LYS B 368 6.15 27.91 14.69
N ALA B 369 5.37 26.98 15.24
CA ALA B 369 4.01 27.25 15.68
C ALA B 369 3.96 27.28 17.19
N GLU B 370 3.45 28.37 17.74
CA GLU B 370 3.39 28.58 19.17
C GLU B 370 1.98 28.30 19.66
N PHE B 371 1.89 27.71 20.85
CA PHE B 371 0.63 27.19 21.35
C PHE B 371 0.67 27.20 22.88
N CYS B 372 -0.35 26.60 23.49
CA CYS B 372 -0.46 26.50 24.94
C CYS B 372 -0.18 25.07 25.37
N TRP B 373 0.63 24.92 26.41
CA TRP B 373 1.08 23.59 26.81
C TRP B 373 -0.05 22.74 27.37
N VAL B 374 -0.97 23.32 28.12
CA VAL B 374 -1.97 22.54 28.85
C VAL B 374 -3.10 22.13 27.91
N CYS B 375 -3.82 23.11 27.36
CA CYS B 375 -4.94 22.79 26.50
C CYS B 375 -4.50 22.28 25.14
N LEU B 376 -3.22 22.47 24.79
CA LEU B 376 -2.68 22.07 23.48
C LEU B 376 -3.45 22.70 22.33
N GLY B 377 -3.84 23.97 22.49
CA GLY B 377 -4.56 24.66 21.45
C GLY B 377 -3.79 25.86 20.94
N PRO B 378 -4.31 26.52 19.91
CA PRO B 378 -3.64 27.70 19.37
C PRO B 378 -3.57 28.81 20.42
N TRP B 379 -2.52 29.62 20.33
CA TRP B 379 -2.26 30.65 21.32
C TRP B 379 -2.86 32.00 20.98
N GLU B 380 -3.31 32.22 19.75
CA GLU B 380 -3.80 33.52 19.37
C GLU B 380 -5.01 33.96 20.20
N PRO B 381 -6.06 33.14 20.40
CA PRO B 381 -7.13 33.55 21.31
C PRO B 381 -6.81 33.21 22.75
N HIS B 382 -5.99 32.17 22.93
CA HIS B 382 -5.86 31.53 24.23
C HIS B 382 -4.91 32.36 25.10
N GLY B 383 -5.44 32.89 26.20
CA GLY B 383 -4.64 33.79 27.01
C GLY B 383 -4.31 35.09 26.30
N SER B 384 -5.30 35.68 25.63
CA SER B 384 -5.12 36.94 24.94
C SER B 384 -5.87 38.08 25.61
N ALA B 385 -7.17 37.94 25.81
CA ALA B 385 -7.96 38.93 26.53
C ALA B 385 -8.57 38.35 27.80
N TRP B 386 -9.38 37.29 27.69
CA TRP B 386 -10.06 36.75 28.86
C TRP B 386 -10.07 35.23 28.95
N TYR B 387 -9.74 34.50 27.89
CA TYR B 387 -9.77 33.05 27.91
C TYR B 387 -8.66 32.53 28.80
N ASN B 388 -8.98 31.61 29.70
CA ASN B 388 -8.00 30.96 30.55
C ASN B 388 -8.08 29.45 30.37
N CYS B 389 -6.91 28.82 30.21
CA CYS B 389 -6.89 27.37 29.99
C CYS B 389 -7.36 26.62 31.23
N ASN B 390 -6.94 27.06 32.41
CA ASN B 390 -7.19 26.33 33.64
C ASN B 390 -8.67 26.31 34.01
N ARG B 406 -9.48 -3.31 34.79
CA ARG B 406 -8.24 -4.05 34.94
C ARG B 406 -8.28 -4.91 36.19
N SER B 407 -9.49 -5.24 36.66
CA SER B 407 -9.63 -5.84 37.98
C SER B 407 -9.34 -7.33 37.95
N ARG B 408 -10.18 -8.10 37.26
CA ARG B 408 -9.84 -9.51 37.25
C ARG B 408 -9.88 -10.14 35.86
N ALA B 409 -10.85 -9.78 35.04
CA ALA B 409 -10.95 -10.40 33.72
C ALA B 409 -9.95 -9.79 32.75
N ALA B 410 -9.77 -8.48 32.82
CA ALA B 410 -8.96 -7.79 31.82
C ALA B 410 -7.52 -8.27 31.83
N LEU B 411 -6.92 -8.42 33.03
CA LEU B 411 -5.53 -8.83 33.07
C LEU B 411 -5.37 -10.27 32.62
N GLN B 412 -6.38 -11.11 32.89
CA GLN B 412 -6.32 -12.49 32.41
C GLN B 412 -6.39 -12.57 30.89
N ARG B 413 -7.31 -11.83 30.27
CA ARG B 413 -7.38 -11.82 28.81
C ARG B 413 -6.08 -11.30 28.21
N TYR B 414 -5.58 -10.20 28.77
CA TYR B 414 -4.31 -9.66 28.30
C TYR B 414 -3.20 -10.68 28.47
N LEU B 415 -3.22 -11.43 29.57
CA LEU B 415 -2.19 -12.42 29.82
C LEU B 415 -2.19 -13.49 28.74
N PHE B 416 -3.37 -13.99 28.39
CA PHE B 416 -3.47 -15.03 27.37
C PHE B 416 -2.95 -14.52 26.02
N TYR B 417 -3.47 -13.38 25.58
CA TYR B 417 -3.08 -12.88 24.28
C TYR B 417 -1.60 -12.51 24.24
N CYS B 418 -1.10 -11.84 25.27
CA CYS B 418 0.31 -11.46 25.29
C CYS B 418 1.20 -12.69 25.39
N ASN B 419 0.76 -13.74 26.07
CA ASN B 419 1.53 -14.97 26.13
C ASN B 419 1.72 -15.53 24.72
N ARG B 420 0.63 -15.64 23.96
CA ARG B 420 0.76 -16.14 22.59
C ARG B 420 1.63 -15.22 21.75
N TYR B 421 1.43 -13.91 21.87
CA TYR B 421 2.18 -12.98 21.04
C TYR B 421 3.67 -13.04 21.34
N MET B 422 4.04 -13.14 22.62
CA MET B 422 5.45 -13.21 22.98
C MET B 422 6.07 -14.52 22.52
N ASN B 423 5.33 -15.63 22.64
CA ASN B 423 5.85 -16.90 22.14
C ASN B 423 6.18 -16.80 20.66
N HIS B 424 5.25 -16.27 19.88
CA HIS B 424 5.51 -16.15 18.45
C HIS B 424 6.63 -15.17 18.16
N MET B 425 6.75 -14.11 18.96
CA MET B 425 7.87 -13.18 18.77
C MET B 425 9.20 -13.88 19.00
N GLN B 426 9.28 -14.69 20.07
CA GLN B 426 10.51 -15.44 20.32
C GLN B 426 10.85 -16.34 19.14
N SER B 427 9.86 -17.10 18.66
CA SER B 427 10.13 -18.03 17.57
C SER B 427 10.53 -17.29 16.30
N LEU B 428 9.90 -16.16 16.02
CA LEU B 428 10.28 -15.38 14.84
C LEU B 428 11.65 -14.74 15.01
N ARG B 429 12.13 -14.58 16.24
CA ARG B 429 13.47 -14.08 16.47
C ARG B 429 14.55 -15.12 16.22
N PHE B 430 14.26 -16.41 16.45
CA PHE B 430 15.22 -17.49 16.30
C PHE B 430 15.18 -18.12 14.92
N GLU B 431 14.68 -17.40 13.92
CA GLU B 431 14.47 -18.02 12.61
C GLU B 431 15.78 -18.39 11.94
N HIS B 432 16.88 -17.72 12.31
CA HIS B 432 18.17 -18.12 11.76
C HIS B 432 18.53 -19.53 12.20
N LYS B 433 18.29 -19.85 13.46
CA LYS B 433 18.66 -21.15 13.98
C LYS B 433 17.83 -22.25 13.34
N LEU B 434 16.56 -21.97 13.06
CA LEU B 434 15.72 -22.97 12.41
C LEU B 434 16.22 -23.29 11.01
N TYR B 435 16.54 -22.25 10.23
CA TYR B 435 17.12 -22.47 8.91
C TYR B 435 18.40 -23.28 9.02
N ALA B 436 19.27 -22.89 9.96
CA ALA B 436 20.54 -23.60 10.09
C ALA B 436 20.35 -25.05 10.46
N GLN B 437 19.45 -25.34 11.40
CA GLN B 437 19.28 -26.70 11.88
C GLN B 437 18.64 -27.57 10.80
N VAL B 438 17.65 -27.04 10.08
CA VAL B 438 17.07 -27.84 9.02
C VAL B 438 18.08 -28.05 7.90
N LYS B 439 18.94 -27.06 7.63
CA LYS B 439 19.98 -27.24 6.63
C LYS B 439 20.98 -28.31 7.03
N GLN B 440 21.36 -28.32 8.31
CA GLN B 440 22.33 -29.31 8.78
C GLN B 440 21.75 -30.71 8.71
N LYS B 441 20.52 -30.89 9.21
CA LYS B 441 19.88 -32.19 9.07
C LYS B 441 19.67 -32.54 7.60
N MET B 442 19.49 -31.52 6.78
CA MET B 442 19.30 -31.68 5.35
C MET B 442 20.52 -32.33 4.71
N GLU B 443 21.70 -31.76 4.97
CA GLU B 443 22.94 -32.34 4.46
C GLU B 443 23.19 -33.73 5.05
N GLU B 444 23.05 -33.85 6.37
CA GLU B 444 23.36 -35.12 7.02
C GLU B 444 22.46 -36.23 6.52
N MET B 445 21.19 -35.92 6.26
CA MET B 445 20.31 -36.93 5.69
C MET B 445 20.68 -37.20 4.24
N GLN B 446 21.22 -36.19 3.54
CA GLN B 446 21.61 -36.40 2.16
C GLN B 446 22.77 -37.39 2.06
N GLN B 447 23.73 -37.33 2.97
CA GLN B 447 24.90 -38.20 2.83
C GLN B 447 24.56 -39.67 3.06
N HIS B 448 23.45 -39.97 3.73
CA HIS B 448 23.09 -41.36 4.01
C HIS B 448 22.23 -41.93 2.89
N ASN B 449 22.73 -41.81 1.66
CA ASN B 449 22.12 -42.41 0.47
C ASN B 449 20.74 -41.83 0.18
N MET B 450 20.59 -40.54 0.43
CA MET B 450 19.36 -39.81 0.11
C MET B 450 19.72 -38.65 -0.83
N SER B 451 18.91 -38.45 -1.85
CA SER B 451 19.23 -37.49 -2.91
C SER B 451 18.94 -36.06 -2.49
N TRP B 452 18.82 -35.15 -3.44
CA TRP B 452 18.67 -33.72 -3.18
C TRP B 452 17.23 -33.22 -3.19
N ILE B 453 16.33 -33.85 -3.96
CA ILE B 453 15.00 -33.26 -4.12
C ILE B 453 14.18 -33.38 -2.84
N GLU B 454 14.39 -34.46 -2.08
CA GLU B 454 13.76 -34.58 -0.77
C GLU B 454 14.07 -33.36 0.08
N VAL B 455 15.35 -33.16 0.36
CA VAL B 455 15.69 -32.05 1.22
C VAL B 455 15.19 -30.73 0.64
N GLN B 456 14.96 -30.67 -0.69
CA GLN B 456 14.31 -29.49 -1.23
C GLN B 456 12.89 -29.31 -0.68
N PHE B 457 12.09 -30.39 -0.66
CA PHE B 457 10.76 -30.17 -0.12
C PHE B 457 10.85 -29.72 1.33
N LEU B 458 11.88 -30.19 2.02
CA LEU B 458 12.03 -29.84 3.42
C LEU B 458 12.24 -28.34 3.59
N LYS B 459 13.08 -27.75 2.74
CA LYS B 459 13.28 -26.31 2.78
C LYS B 459 11.97 -25.56 2.54
N LYS B 460 11.18 -26.00 1.56
CA LYS B 460 9.92 -25.32 1.30
C LYS B 460 9.01 -25.35 2.52
N ALA B 461 8.96 -26.51 3.20
CA ALA B 461 8.12 -26.61 4.39
C ALA B 461 8.53 -25.60 5.46
N VAL B 462 9.84 -25.48 5.71
CA VAL B 462 10.29 -24.51 6.69
C VAL B 462 9.82 -23.11 6.34
N ASP B 463 9.94 -22.74 5.06
CA ASP B 463 9.54 -21.40 4.65
C ASP B 463 8.07 -21.14 4.99
N VAL B 464 7.19 -22.09 4.65
CA VAL B 464 5.77 -21.90 4.93
C VAL B 464 5.52 -21.78 6.42
N LEU B 465 6.24 -22.56 7.22
CA LEU B 465 6.06 -22.49 8.67
C LEU B 465 6.35 -21.09 9.20
N CYS B 466 7.46 -20.50 8.74
CA CYS B 466 7.81 -19.16 9.21
C CYS B 466 6.74 -18.14 8.82
N GLN B 467 6.24 -18.24 7.59
CA GLN B 467 5.20 -17.29 7.17
C GLN B 467 3.94 -17.43 8.01
N CYS B 468 3.54 -18.66 8.33
CA CYS B 468 2.34 -18.86 9.14
C CYS B 468 2.49 -18.28 10.53
N ARG B 469 3.65 -18.46 11.16
CA ARG B 469 3.84 -17.84 12.46
C ARG B 469 3.78 -16.32 12.37
N ALA B 470 4.41 -15.76 11.34
CA ALA B 470 4.37 -14.30 11.18
C ALA B 470 2.95 -13.78 11.08
N THR B 471 2.06 -14.46 10.38
CA THR B 471 0.67 -14.00 10.33
C THR B 471 -0.10 -14.23 11.62
N LEU B 472 0.07 -15.39 12.27
CA LEU B 472 -0.62 -15.61 13.53
C LEU B 472 -0.29 -14.55 14.56
N MET B 473 0.93 -14.02 14.51
CA MET B 473 1.32 -12.98 15.46
C MET B 473 0.33 -11.81 15.42
N TYR B 474 0.25 -11.10 14.30
CA TYR B 474 -0.65 -9.96 14.23
C TYR B 474 -2.11 -10.36 14.28
N THR B 475 -2.43 -11.61 13.95
CA THR B 475 -3.81 -12.03 14.13
C THR B 475 -4.21 -12.00 15.60
N TYR B 476 -3.29 -12.35 16.51
CA TYR B 476 -3.63 -12.27 17.92
C TYR B 476 -3.87 -10.83 18.37
N VAL B 477 -3.04 -9.90 17.90
CA VAL B 477 -3.25 -8.49 18.17
C VAL B 477 -4.63 -8.06 17.73
N PHE B 478 -5.02 -8.44 16.51
CA PHE B 478 -6.35 -8.09 16.05
C PHE B 478 -7.42 -8.70 16.92
N ALA B 479 -7.24 -9.95 17.34
CA ALA B 479 -8.25 -10.63 18.12
C ALA B 479 -8.29 -10.18 19.57
N PHE B 480 -7.39 -9.29 19.99
CA PHE B 480 -7.52 -8.70 21.32
C PHE B 480 -8.63 -7.66 21.35
N TYR B 481 -8.52 -6.62 20.53
CA TYR B 481 -9.40 -5.46 20.61
C TYR B 481 -10.69 -5.79 19.88
N LEU B 482 -11.48 -6.69 20.45
CA LEU B 482 -12.60 -7.23 19.67
C LEU B 482 -13.69 -7.71 20.62
N LYS B 483 -14.86 -7.06 20.57
CA LYS B 483 -15.95 -7.44 21.46
C LYS B 483 -16.62 -8.72 20.99
N LYS B 484 -16.88 -9.62 21.93
CA LYS B 484 -17.38 -10.95 21.61
C LYS B 484 -18.78 -10.93 21.00
N ASN B 485 -18.90 -11.40 19.76
CA ASN B 485 -20.18 -11.62 19.12
C ASN B 485 -20.11 -12.95 18.39
N ASN B 486 -21.10 -13.22 17.53
CA ASN B 486 -21.10 -14.48 16.82
C ASN B 486 -19.93 -14.58 15.85
N GLN B 487 -19.71 -13.55 15.08
CA GLN B 487 -18.63 -13.57 14.09
C GLN B 487 -17.29 -13.49 14.69
N SER B 488 -17.14 -13.58 16.01
CA SER B 488 -15.83 -13.62 16.62
C SER B 488 -15.48 -14.97 17.21
N ILE B 489 -16.46 -15.76 17.65
CA ILE B 489 -16.16 -17.12 18.05
C ILE B 489 -15.75 -17.94 16.84
N ILE B 490 -16.31 -17.64 15.67
CA ILE B 490 -15.87 -18.28 14.43
C ILE B 490 -14.38 -18.04 14.23
N PHE B 491 -13.95 -16.80 14.35
CA PHE B 491 -12.56 -16.46 14.09
C PHE B 491 -11.64 -17.05 15.15
N GLU B 492 -12.02 -16.92 16.42
CA GLU B 492 -11.17 -17.47 17.47
C GLU B 492 -11.29 -18.97 17.58
N ASN B 493 -12.11 -19.60 16.77
CA ASN B 493 -12.08 -21.05 16.63
C ASN B 493 -11.27 -21.50 15.44
N ASN B 494 -11.21 -20.69 14.38
CA ASN B 494 -10.34 -21.03 13.26
C ASN B 494 -8.88 -20.85 13.61
N GLN B 495 -8.54 -19.75 14.30
CA GLN B 495 -7.13 -19.50 14.52
C GLN B 495 -6.53 -20.49 15.50
N ALA B 496 -7.32 -21.03 16.42
CA ALA B 496 -6.80 -22.08 17.29
C ALA B 496 -6.43 -23.31 16.48
N ASP B 497 -7.25 -23.65 15.50
CA ASP B 497 -6.94 -24.80 14.66
C ASP B 497 -5.68 -24.58 13.84
N LEU B 498 -5.51 -23.38 13.27
CA LEU B 498 -4.29 -23.11 12.53
C LEU B 498 -3.08 -23.11 13.45
N GLU B 499 -3.25 -22.62 14.68
CA GLU B 499 -2.20 -22.71 15.70
C GLU B 499 -1.77 -24.16 15.91
N ASN B 500 -2.75 -25.04 16.13
CA ASN B 500 -2.43 -26.43 16.40
C ASN B 500 -1.74 -27.09 15.22
N ALA B 501 -2.21 -26.81 14.00
CA ALA B 501 -1.57 -27.40 12.83
C ALA B 501 -0.14 -26.89 12.65
N THR B 502 0.09 -25.60 12.90
CA THR B 502 1.46 -25.09 12.89
C THR B 502 2.33 -25.83 13.87
N GLU B 503 1.82 -26.07 15.08
CA GLU B 503 2.62 -26.78 16.08
C GLU B 503 2.93 -28.21 15.63
N VAL B 504 1.95 -28.90 15.03
CA VAL B 504 2.21 -30.27 14.58
C VAL B 504 3.26 -30.28 13.47
N LEU B 505 3.21 -29.29 12.57
CA LEU B 505 4.22 -29.27 11.50
C LEU B 505 5.61 -29.05 12.07
N SER B 506 5.75 -28.07 12.97
CA SER B 506 7.05 -27.86 13.58
C SER B 506 7.51 -29.06 14.39
N GLY B 507 6.58 -29.81 14.97
CA GLY B 507 6.92 -31.03 15.64
C GLY B 507 7.40 -32.11 14.68
N TYR B 508 6.75 -32.22 13.53
CA TYR B 508 7.20 -33.17 12.51
C TYR B 508 8.65 -32.94 12.15
N LEU B 509 8.99 -31.69 11.85
CA LEU B 509 10.31 -31.47 11.27
C LEU B 509 11.42 -32.05 12.15
N GLU B 510 11.62 -31.42 13.31
CA GLU B 510 12.77 -31.68 14.17
C GLU B 510 13.02 -33.17 14.35
N ARG B 511 12.05 -33.87 14.91
CA ARG B 511 12.26 -35.27 15.23
C ARG B 511 12.05 -36.16 14.01
N ASP B 512 10.89 -36.08 13.38
CA ASP B 512 10.50 -37.08 12.40
C ASP B 512 11.15 -36.89 11.03
N ILE B 513 12.21 -36.08 10.91
CA ILE B 513 13.04 -36.20 9.71
C ILE B 513 14.23 -37.15 9.95
N SER B 514 14.12 -38.01 10.97
CA SER B 514 15.26 -38.79 11.45
C SER B 514 16.05 -39.49 10.36
N GLN B 515 15.48 -40.50 9.71
CA GLN B 515 16.26 -41.29 8.76
C GLN B 515 15.40 -42.32 8.06
N ASP B 516 15.75 -42.59 6.79
CA ASP B 516 15.30 -43.73 6.00
C ASP B 516 13.83 -44.07 6.23
N SER B 517 12.98 -43.05 6.17
CA SER B 517 11.54 -43.27 6.14
C SER B 517 10.87 -42.28 5.21
N LEU B 518 11.56 -41.91 4.12
CA LEU B 518 11.14 -40.77 3.31
C LEU B 518 9.72 -40.93 2.80
N GLN B 519 9.37 -42.10 2.30
CA GLN B 519 8.17 -42.19 1.48
C GLN B 519 6.90 -41.87 2.28
N ASP B 520 6.96 -41.89 3.60
CA ASP B 520 5.81 -41.48 4.40
C ASP B 520 5.99 -40.12 5.06
N ILE B 521 7.18 -39.82 5.59
CA ILE B 521 7.38 -38.53 6.23
C ILE B 521 7.25 -37.41 5.22
N LYS B 522 7.78 -37.61 4.02
CA LYS B 522 7.63 -36.62 2.96
C LYS B 522 6.16 -36.36 2.66
N GLN B 523 5.38 -37.42 2.56
CA GLN B 523 3.95 -37.26 2.32
C GLN B 523 3.28 -36.52 3.47
N LYS B 524 3.63 -36.85 4.70
CA LYS B 524 3.05 -36.19 5.86
C LYS B 524 3.35 -34.70 5.83
N VAL B 525 4.60 -34.34 5.60
CA VAL B 525 4.98 -32.94 5.69
C VAL B 525 4.35 -32.13 4.57
N GLN B 526 4.28 -32.70 3.36
CA GLN B 526 3.65 -31.96 2.27
C GLN B 526 2.16 -31.75 2.53
N ASP B 527 1.47 -32.81 2.97
CA ASP B 527 0.06 -32.65 3.30
C ASP B 527 -0.14 -31.63 4.39
N LYS B 528 0.77 -31.55 5.36
CA LYS B 528 0.60 -30.60 6.44
C LYS B 528 0.84 -29.17 6.01
N TYR B 529 1.88 -28.88 5.23
CA TYR B 529 2.09 -27.48 4.95
C TYR B 529 1.15 -26.92 3.90
N ARG B 530 0.63 -27.72 2.97
CA ARG B 530 -0.40 -27.17 2.09
C ARG B 530 -1.64 -26.76 2.89
N TYR B 531 -2.03 -27.59 3.86
CA TYR B 531 -3.16 -27.29 4.72
C TYR B 531 -2.92 -26.00 5.52
N CYS B 532 -1.71 -25.85 6.08
CA CYS B 532 -1.42 -24.66 6.85
C CYS B 532 -1.51 -23.40 5.98
N GLU B 533 -0.97 -23.45 4.77
CA GLU B 533 -1.01 -22.27 3.90
C GLU B 533 -2.45 -21.91 3.53
N SER B 534 -3.25 -22.92 3.16
CA SER B 534 -4.64 -22.64 2.83
C SER B 534 -5.35 -21.98 4.00
N ARG B 535 -5.13 -22.49 5.20
CA ARG B 535 -5.83 -21.93 6.36
C ARG B 535 -5.45 -20.49 6.60
N ARG B 536 -4.16 -20.15 6.51
CA ARG B 536 -3.84 -18.75 6.80
C ARG B 536 -4.41 -17.82 5.75
N ARG B 537 -4.47 -18.27 4.50
CA ARG B 537 -5.14 -17.43 3.50
C ARG B 537 -6.61 -17.22 3.84
N VAL B 538 -7.28 -18.26 4.36
CA VAL B 538 -8.67 -18.10 4.79
C VAL B 538 -8.79 -17.07 5.89
N LEU B 539 -7.87 -17.08 6.86
CA LEU B 539 -7.95 -16.10 7.95
C LEU B 539 -7.82 -14.67 7.42
N LEU B 540 -6.85 -14.43 6.55
CA LEU B 540 -6.71 -13.07 6.02
C LEU B 540 -7.96 -12.65 5.27
N GLN B 541 -8.52 -13.53 4.45
CA GLN B 541 -9.71 -13.17 3.70
C GLN B 541 -10.88 -12.88 4.63
N HIS B 542 -11.00 -13.63 5.72
CA HIS B 542 -12.07 -13.38 6.67
C HIS B 542 -11.96 -11.99 7.26
N VAL B 543 -10.75 -11.61 7.68
CA VAL B 543 -10.55 -10.29 8.28
C VAL B 543 -10.91 -9.19 7.29
N HIS B 544 -10.40 -9.30 6.06
CA HIS B 544 -10.63 -8.23 5.10
C HIS B 544 -12.10 -8.13 4.69
N GLU B 545 -12.78 -9.27 4.56
CA GLU B 545 -14.21 -9.22 4.29
C GLU B 545 -14.95 -8.55 5.44
N GLY B 546 -14.57 -8.87 6.68
CA GLY B 546 -15.20 -8.21 7.81
C GLY B 546 -15.01 -6.70 7.79
N TYR B 547 -13.81 -6.25 7.42
CA TYR B 547 -13.60 -4.80 7.30
C TYR B 547 -14.50 -4.22 6.22
N GLU B 548 -14.64 -4.93 5.11
CA GLU B 548 -15.46 -4.40 4.02
C GLU B 548 -16.93 -4.32 4.40
N LYS B 549 -17.40 -5.27 5.21
CA LYS B 549 -18.83 -5.37 5.51
C LYS B 549 -19.22 -4.80 6.86
N ASP B 550 -18.31 -4.14 7.57
CA ASP B 550 -18.60 -3.51 8.86
C ASP B 550 -19.25 -4.51 9.83
N LEU B 551 -18.47 -5.53 10.18
CA LEU B 551 -19.00 -6.67 10.91
C LEU B 551 -18.34 -6.89 12.27
N TRP B 552 -17.22 -6.25 12.54
CA TRP B 552 -16.57 -6.34 13.83
C TRP B 552 -17.03 -5.21 14.74
N GLU B 553 -16.87 -5.42 16.04
CA GLU B 553 -17.21 -4.41 17.03
C GLU B 553 -16.22 -4.49 18.19
N TYR B 554 -15.72 -3.33 18.61
CA TYR B 554 -14.64 -3.26 19.58
C TYR B 554 -15.11 -2.80 20.96
N MET C 1 31.99 -1.16 19.39
CA MET C 1 31.58 -0.07 20.27
C MET C 1 30.71 0.92 19.52
N GLN C 2 29.45 0.55 19.31
CA GLN C 2 28.49 1.42 18.62
C GLN C 2 27.13 1.30 19.28
N ILE C 3 26.38 2.41 19.26
CA ILE C 3 25.04 2.49 19.83
C ILE C 3 24.11 3.16 18.82
N PHE C 4 22.82 3.06 19.10
CA PHE C 4 21.78 3.52 18.18
C PHE C 4 20.96 4.62 18.83
N VAL C 5 20.68 5.67 18.07
CA VAL C 5 19.89 6.80 18.51
C VAL C 5 18.68 6.92 17.61
N LYS C 6 17.48 6.89 18.21
CA LYS C 6 16.24 7.01 17.46
C LYS C 6 15.86 8.49 17.39
N THR C 7 15.97 9.07 16.20
CA THR C 7 15.81 10.50 16.01
C THR C 7 14.32 10.86 16.04
N LEU C 8 14.04 12.16 16.00
CA LEU C 8 12.66 12.65 15.99
C LEU C 8 11.91 12.23 14.74
N THR C 9 12.63 12.04 13.63
CA THR C 9 12.03 11.74 12.33
C THR C 9 12.19 10.27 11.95
N GLY C 10 12.04 9.35 12.89
CA GLY C 10 12.34 7.97 12.62
C GLY C 10 13.83 7.82 12.47
N LYS C 11 14.28 7.50 11.27
CA LYS C 11 15.68 7.66 10.85
C LYS C 11 16.66 7.28 11.95
N THR C 12 16.56 6.03 12.39
CA THR C 12 17.51 5.52 13.38
C THR C 12 18.94 5.68 12.86
N ILE C 13 19.82 6.20 13.70
CA ILE C 13 21.21 6.42 13.32
C ILE C 13 22.11 5.74 14.34
N THR C 14 23.33 5.44 13.91
CA THR C 14 24.31 4.73 14.72
C THR C 14 25.47 5.64 15.05
N LEU C 15 25.95 5.54 16.29
CA LEU C 15 27.01 6.39 16.79
C LEU C 15 28.23 5.55 17.12
N GLU C 16 29.42 6.08 16.82
CA GLU C 16 30.67 5.49 17.24
C GLU C 16 31.16 6.21 18.50
N VAL C 17 31.39 5.44 19.57
CA VAL C 17 31.60 6.03 20.89
C VAL C 17 32.28 5.01 21.77
N GLU C 18 33.13 5.49 22.69
CA GLU C 18 33.91 4.71 23.63
C GLU C 18 33.26 4.74 25.01
N PRO C 19 33.36 3.65 25.77
CA PRO C 19 32.69 3.58 27.08
C PRO C 19 33.15 4.63 28.07
N SER C 20 34.24 5.34 27.81
CA SER C 20 34.71 6.39 28.71
C SER C 20 34.16 7.76 28.36
N ASP C 21 33.34 7.88 27.32
CA ASP C 21 32.88 9.18 26.86
C ASP C 21 31.71 9.68 27.70
N THR C 22 31.53 10.98 27.69
CA THR C 22 30.52 11.64 28.51
C THR C 22 29.32 12.08 27.68
N ILE C 23 28.20 12.29 28.37
CA ILE C 23 26.94 12.61 27.71
C ILE C 23 27.06 13.91 26.92
N GLU C 24 27.86 14.86 27.40
CA GLU C 24 28.04 16.09 26.66
C GLU C 24 28.71 15.84 25.31
N ASN C 25 29.71 14.97 25.28
CA ASN C 25 30.34 14.64 24.01
C ASN C 25 29.40 13.83 23.12
N VAL C 26 28.57 12.98 23.71
CA VAL C 26 27.57 12.27 22.93
C VAL C 26 26.62 13.26 22.27
N LYS C 27 26.18 14.26 23.04
CA LYS C 27 25.30 15.29 22.49
C LYS C 27 25.98 16.06 21.38
N ALA C 28 27.27 16.35 21.53
CA ALA C 28 28.00 17.04 20.47
C ALA C 28 28.04 16.19 19.21
N LYS C 29 28.23 14.87 19.35
CA LYS C 29 28.24 14.01 18.18
C LYS C 29 26.88 13.99 17.49
N ILE C 30 25.80 13.91 18.28
CA ILE C 30 24.46 13.93 17.69
C ILE C 30 24.21 15.24 16.98
N GLN C 31 24.64 16.36 17.57
CA GLN C 31 24.53 17.65 16.94
C GLN C 31 25.27 17.69 15.61
N ASP C 32 26.48 17.14 15.58
CA ASP C 32 27.23 17.14 14.33
C ASP C 32 26.54 16.31 13.28
N LYS C 33 25.98 15.15 13.66
CA LYS C 33 25.35 14.29 12.68
C LYS C 33 24.04 14.87 12.14
N GLU C 34 23.14 15.30 13.02
CA GLU C 34 21.79 15.70 12.60
C GLU C 34 21.66 17.21 12.45
N GLY C 35 21.89 17.98 13.50
CA GLY C 35 21.75 19.41 13.41
C GLY C 35 21.07 20.02 14.62
N ILE C 36 20.46 19.19 15.45
CA ILE C 36 19.76 19.69 16.64
C ILE C 36 20.79 20.31 17.56
N PRO C 37 20.62 21.55 18.01
CA PRO C 37 21.57 22.14 18.95
C PRO C 37 21.67 21.31 20.21
N PRO C 38 22.86 21.14 20.76
CA PRO C 38 23.02 20.16 21.84
C PRO C 38 22.66 20.73 23.20
N ASP C 39 21.55 21.46 23.26
CA ASP C 39 21.07 21.93 24.54
C ASP C 39 19.56 21.91 24.68
N GLN C 40 18.82 21.42 23.69
CA GLN C 40 17.41 21.14 23.84
C GLN C 40 17.13 19.67 23.54
N GLN C 41 18.10 18.82 23.81
CA GLN C 41 17.96 17.37 23.64
C GLN C 41 17.95 16.71 25.00
N ARG C 42 17.12 15.69 25.16
CA ARG C 42 17.22 14.77 26.29
C ARG C 42 17.34 13.37 25.73
N LEU C 43 18.24 12.57 26.29
CA LEU C 43 18.41 11.20 25.88
C LEU C 43 17.81 10.29 26.94
N ILE C 44 16.98 9.34 26.52
CA ILE C 44 16.28 8.44 27.41
C ILE C 44 16.74 7.02 27.11
N PHE C 45 17.15 6.30 28.15
CA PHE C 45 17.54 4.91 28.01
C PHE C 45 16.95 4.10 29.14
N ALA C 46 16.40 2.94 28.80
CA ALA C 46 15.90 1.97 29.78
C ALA C 46 14.83 2.57 30.69
N GLY C 47 14.20 3.65 30.27
CA GLY C 47 13.17 4.29 31.06
C GLY C 47 13.66 5.24 32.13
N LYS C 48 14.97 5.48 32.20
CA LYS C 48 15.55 6.42 33.16
C LYS C 48 16.24 7.53 32.38
N GLN C 49 16.17 8.75 32.91
CA GLN C 49 16.71 9.91 32.22
C GLN C 49 18.23 9.87 32.21
N LEU C 50 18.83 10.61 31.27
CA LEU C 50 20.28 10.69 31.16
C LEU C 50 20.73 12.11 31.47
N GLU C 51 21.29 12.31 32.66
CA GLU C 51 21.79 13.60 33.08
C GLU C 51 23.15 13.84 32.44
N ASP C 52 23.84 14.91 32.86
CA ASP C 52 25.15 15.23 32.31
C ASP C 52 26.30 14.85 33.22
N GLY C 53 26.02 14.43 34.45
CA GLY C 53 27.10 14.14 35.38
C GLY C 53 27.91 12.91 35.01
N ARG C 54 27.28 11.74 35.10
CA ARG C 54 28.02 10.49 34.92
C ARG C 54 28.23 10.20 33.43
N THR C 55 28.67 8.97 33.15
CA THR C 55 29.04 8.56 31.80
C THR C 55 28.26 7.32 31.38
N LEU C 56 28.49 6.90 30.13
CA LEU C 56 27.78 5.75 29.59
C LEU C 56 28.06 4.49 30.39
N SER C 57 29.33 4.27 30.73
CA SER C 57 29.68 3.10 31.52
C SER C 57 29.02 3.16 32.89
N ASP C 58 28.94 4.35 33.48
CA ASP C 58 28.23 4.50 34.75
C ASP C 58 26.77 4.12 34.61
N TYR C 59 26.13 4.56 33.53
CA TYR C 59 24.74 4.23 33.27
C TYR C 59 24.55 2.81 32.75
N ASN C 60 25.63 2.05 32.60
CA ASN C 60 25.58 0.65 32.19
C ASN C 60 25.05 0.53 30.76
N ILE C 61 25.43 1.49 29.93
CA ILE C 61 25.12 1.46 28.51
C ILE C 61 25.88 0.28 27.90
N GLN C 62 25.13 -0.67 27.34
CA GLN C 62 25.76 -1.79 26.67
C GLN C 62 26.21 -1.37 25.28
N LYS C 63 26.58 -2.34 24.47
CA LYS C 63 26.93 -2.09 23.08
C LYS C 63 25.82 -2.57 22.18
N GLU C 64 25.71 -1.95 21.00
CA GLU C 64 24.61 -2.17 20.07
C GLU C 64 23.26 -2.02 20.78
N SER C 65 23.10 -0.90 21.47
CA SER C 65 21.89 -0.57 22.20
C SER C 65 21.30 0.74 21.67
N THR C 66 20.02 0.94 21.97
CA THR C 66 19.28 2.10 21.50
C THR C 66 18.93 3.01 22.67
N LEU C 67 18.93 4.32 22.39
CA LEU C 67 18.48 5.32 23.34
C LEU C 67 17.77 6.42 22.57
N HIS C 68 16.63 6.86 23.08
CA HIS C 68 15.73 7.73 22.36
C HIS C 68 16.09 9.20 22.55
N LEU C 69 15.52 10.04 21.69
CA LEU C 69 15.79 11.47 21.68
C LEU C 69 14.45 12.21 21.69
N VAL C 70 14.30 13.16 22.61
CA VAL C 70 13.12 13.99 22.73
C VAL C 70 13.55 15.44 22.81
N LEU C 71 12.64 16.35 22.51
CA LEU C 71 12.96 17.77 22.60
C LEU C 71 12.82 18.27 24.03
N ARG C 72 13.51 19.37 24.33
CA ARG C 72 13.54 19.97 25.65
C ARG C 72 13.13 21.43 25.57
N LEU C 73 11.99 21.69 24.96
CA LEU C 73 11.48 23.04 24.88
C LEU C 73 11.29 23.64 26.26
N ARG C 74 11.68 24.89 26.43
CA ARG C 74 11.52 25.61 27.69
C ARG C 74 11.04 27.03 27.43
N GLY C 75 10.98 27.84 28.48
CA GLY C 75 10.58 29.22 28.34
C GLY C 75 9.17 29.37 27.81
N MET D 1 -4.22 27.44 -37.47
CA MET D 1 -2.84 27.18 -37.06
C MET D 1 -2.87 26.24 -35.86
N LEU D 2 -1.80 25.48 -35.67
CA LEU D 2 -1.75 24.41 -34.69
C LEU D 2 -1.01 24.87 -33.45
N ILE D 3 -1.70 24.85 -32.30
CA ILE D 3 -1.10 25.11 -31.01
C ILE D 3 -1.30 23.89 -30.13
N LYS D 4 -0.77 23.93 -28.91
CA LYS D 4 -0.88 22.83 -27.96
C LYS D 4 -1.10 23.37 -26.56
N VAL D 5 -1.75 22.57 -25.72
CA VAL D 5 -1.95 22.92 -24.32
C VAL D 5 -1.46 21.75 -23.46
N LYS D 6 -0.68 22.05 -22.44
CA LYS D 6 -0.02 21.06 -21.60
C LYS D 6 -0.74 20.98 -20.26
N THR D 7 -1.04 19.77 -19.81
CA THR D 7 -1.67 19.60 -18.51
C THR D 7 -0.60 19.54 -17.44
N LEU D 8 -1.01 19.54 -16.16
CA LEU D 8 -0.06 19.66 -15.07
C LEU D 8 0.78 18.40 -14.91
N THR D 9 0.18 17.22 -15.04
CA THR D 9 0.94 15.98 -14.95
C THR D 9 1.95 15.88 -16.09
N GLY D 10 1.54 16.23 -17.31
CA GLY D 10 2.45 16.15 -18.43
C GLY D 10 1.88 15.60 -19.72
N LYS D 11 0.57 15.36 -19.75
CA LYS D 11 -0.07 14.87 -20.97
C LYS D 11 -0.18 15.99 -21.99
N GLU D 12 -0.07 15.64 -23.27
CA GLU D 12 0.01 16.61 -24.35
C GLU D 12 -1.30 16.64 -25.15
N ILE D 13 -1.66 17.83 -25.61
CA ILE D 13 -2.90 18.06 -26.35
C ILE D 13 -2.59 18.81 -27.64
N GLU D 14 -3.19 18.38 -28.74
CA GLU D 14 -3.13 19.10 -30.00
C GLU D 14 -4.49 19.71 -30.31
N ILE D 15 -4.50 21.01 -30.60
CA ILE D 15 -5.70 21.74 -31.00
C ILE D 15 -5.35 22.71 -32.11
N ASP D 16 -6.17 22.73 -33.16
CA ASP D 16 -6.08 23.76 -34.19
C ASP D 16 -7.00 24.89 -33.79
N ILE D 17 -6.62 26.12 -34.15
CA ILE D 17 -7.40 27.30 -33.81
C ILE D 17 -7.57 28.16 -35.06
N GLU D 18 -8.60 28.98 -35.05
CA GLU D 18 -8.79 30.04 -36.01
C GLU D 18 -8.49 31.36 -35.31
N PRO D 19 -8.10 32.39 -36.07
CA PRO D 19 -7.74 33.66 -35.42
C PRO D 19 -8.84 34.23 -34.53
N THR D 20 -10.10 34.12 -34.94
CA THR D 20 -11.21 34.70 -34.19
C THR D 20 -11.77 33.74 -33.14
N ASP D 21 -11.17 32.57 -32.96
CA ASP D 21 -11.68 31.62 -31.99
C ASP D 21 -11.49 32.18 -30.59
N LYS D 22 -12.50 32.01 -29.75
CA LYS D 22 -12.55 32.63 -28.43
C LYS D 22 -12.04 31.68 -27.35
N VAL D 23 -11.67 32.26 -26.20
CA VAL D 23 -11.14 31.45 -25.11
C VAL D 23 -12.14 30.40 -24.65
N GLU D 24 -13.42 30.78 -24.54
CA GLU D 24 -14.43 29.81 -24.16
C GLU D 24 -14.56 28.69 -25.19
N ARG D 25 -14.46 29.04 -26.47
CA ARG D 25 -14.49 28.02 -27.50
C ARG D 25 -13.30 27.07 -27.36
N ILE D 26 -12.14 27.61 -27.00
CA ILE D 26 -10.98 26.75 -26.77
C ILE D 26 -11.21 25.85 -25.56
N LYS D 27 -11.87 26.38 -24.53
CA LYS D 27 -12.20 25.54 -23.38
C LYS D 27 -13.11 24.38 -23.79
N GLU D 28 -14.10 24.65 -24.65
CA GLU D 28 -14.95 23.58 -25.15
C GLU D 28 -14.14 22.57 -25.96
N ARG D 29 -13.25 23.06 -26.82
CA ARG D 29 -12.43 22.17 -27.63
C ARG D 29 -11.49 21.34 -26.75
N VAL D 30 -11.14 21.85 -25.58
CA VAL D 30 -10.43 21.03 -24.60
C VAL D 30 -11.37 19.97 -24.03
N GLU D 31 -12.58 20.38 -23.65
CA GLU D 31 -13.53 19.50 -23.00
C GLU D 31 -13.98 18.35 -23.89
N GLU D 32 -13.96 18.52 -25.21
CA GLU D 32 -14.43 17.47 -26.09
C GLU D 32 -13.49 16.27 -26.06
N LYS D 33 -12.31 16.43 -25.45
CA LYS D 33 -11.38 15.34 -25.22
C LYS D 33 -10.98 15.20 -23.75
N GLU D 34 -11.26 16.20 -22.92
CA GLU D 34 -10.89 16.17 -21.50
C GLU D 34 -12.07 16.09 -20.56
N GLY D 35 -13.28 16.38 -21.01
CA GLY D 35 -14.47 16.23 -20.17
C GLY D 35 -14.49 17.13 -18.95
N ILE D 36 -13.90 18.31 -19.05
CA ILE D 36 -13.83 19.27 -17.94
C ILE D 36 -14.63 20.50 -18.34
N PRO D 37 -15.67 20.86 -17.60
CA PRO D 37 -16.44 22.05 -17.95
C PRO D 37 -15.58 23.29 -17.86
N PRO D 38 -15.90 24.32 -18.64
CA PRO D 38 -15.02 25.49 -18.70
C PRO D 38 -14.87 26.26 -17.40
N GLN D 39 -15.79 26.10 -16.45
CA GLN D 39 -15.62 26.77 -15.17
C GLN D 39 -14.38 26.27 -14.44
N GLN D 40 -14.13 24.96 -14.48
CA GLN D 40 -12.97 24.37 -13.84
C GLN D 40 -11.67 24.60 -14.60
N GLN D 41 -11.72 24.60 -15.92
CA GLN D 41 -10.52 24.80 -16.72
C GLN D 41 -10.02 26.24 -16.59
N ARG D 42 -8.70 26.38 -16.53
CA ARG D 42 -8.04 27.67 -16.63
C ARG D 42 -6.95 27.55 -17.66
N LEU D 43 -6.68 28.64 -18.38
CA LEU D 43 -5.68 28.66 -19.43
C LEU D 43 -4.60 29.66 -19.05
N ILE D 44 -3.34 29.26 -19.23
CA ILE D 44 -2.20 30.01 -18.72
C ILE D 44 -1.28 30.35 -19.89
N TYR D 45 -0.83 31.59 -19.94
CA TYR D 45 0.07 32.03 -21.01
C TYR D 45 0.82 33.26 -20.55
N SER D 46 2.15 33.24 -20.68
CA SER D 46 3.00 34.36 -20.29
C SER D 46 2.75 34.75 -18.83
N GLY D 47 2.50 33.75 -17.99
CA GLY D 47 2.28 33.98 -16.57
C GLY D 47 0.94 34.58 -16.21
N LYS D 48 0.24 35.20 -17.16
CA LYS D 48 -1.03 35.85 -16.91
C LYS D 48 -2.17 34.90 -17.26
N GLN D 49 -3.17 34.86 -16.38
CA GLN D 49 -4.32 33.99 -16.64
C GLN D 49 -5.08 34.48 -17.86
N MET D 50 -5.52 33.53 -18.68
CA MET D 50 -6.23 33.88 -19.91
C MET D 50 -7.66 34.27 -19.58
N ASN D 51 -8.02 35.51 -19.92
CA ASN D 51 -9.35 36.03 -19.64
C ASN D 51 -10.39 35.22 -20.39
N ASP D 52 -11.56 35.03 -19.78
CA ASP D 52 -12.56 34.12 -20.32
C ASP D 52 -13.10 34.59 -21.66
N GLU D 53 -13.39 35.88 -21.80
CA GLU D 53 -14.12 36.34 -22.98
C GLU D 53 -13.21 36.62 -24.17
N LYS D 54 -11.89 36.62 -23.98
CA LYS D 54 -11.01 37.13 -25.00
C LYS D 54 -10.91 36.16 -26.18
N THR D 55 -10.13 36.58 -27.18
CA THR D 55 -9.91 35.83 -28.40
C THR D 55 -8.49 35.27 -28.41
N ALA D 56 -8.31 34.13 -29.08
CA ALA D 56 -7.01 33.50 -29.13
C ALA D 56 -5.97 34.38 -29.82
N ALA D 57 -6.41 35.21 -30.78
CA ALA D 57 -5.45 36.06 -31.48
C ALA D 57 -5.13 37.33 -30.71
N ASP D 58 -5.88 37.67 -29.67
CA ASP D 58 -5.62 38.90 -28.93
C ASP D 58 -4.25 38.87 -28.30
N TYR D 59 -3.86 37.74 -27.72
CA TYR D 59 -2.55 37.60 -27.10
C TYR D 59 -1.42 37.46 -28.12
N LYS D 60 -1.74 37.60 -29.41
CA LYS D 60 -0.74 37.51 -30.49
C LYS D 60 0.00 36.17 -30.46
N ILE D 61 -0.76 35.10 -30.20
CA ILE D 61 -0.18 33.76 -30.16
C ILE D 61 0.18 33.30 -31.56
N LEU D 62 1.29 32.60 -31.68
CA LEU D 62 1.67 31.91 -32.90
C LEU D 62 1.67 30.41 -32.62
N GLY D 63 1.37 29.63 -33.66
CA GLY D 63 1.21 28.19 -33.47
C GLY D 63 2.50 27.54 -33.01
N GLY D 64 2.36 26.39 -32.37
CA GLY D 64 3.51 25.69 -31.82
C GLY D 64 3.70 25.97 -30.35
N SER D 65 3.48 27.22 -29.95
CA SER D 65 3.62 27.60 -28.54
C SER D 65 2.60 26.84 -27.70
N VAL D 66 2.99 26.52 -26.46
CA VAL D 66 2.11 25.80 -25.56
C VAL D 66 1.39 26.80 -24.66
N LEU D 67 0.07 26.75 -24.65
CA LEU D 67 -0.73 27.54 -23.72
C LEU D 67 -1.03 26.65 -22.52
N HIS D 68 -0.17 26.69 -21.52
CA HIS D 68 -0.17 25.69 -20.45
C HIS D 68 -1.54 25.64 -19.79
N LEU D 69 -2.03 24.43 -19.57
CA LEU D 69 -3.36 24.25 -19.00
C LEU D 69 -3.23 23.78 -17.55
N VAL D 70 -4.06 24.37 -16.69
CA VAL D 70 -4.08 24.02 -15.28
C VAL D 70 -5.52 23.75 -14.87
N LEU D 71 -5.70 22.78 -13.99
CA LEU D 71 -7.00 22.48 -13.43
C LEU D 71 -7.29 23.36 -12.22
N ALA D 72 -8.56 23.39 -11.83
CA ALA D 72 -9.01 24.11 -10.64
C ALA D 72 -10.36 23.49 -10.25
N LEU D 73 -10.41 22.86 -9.08
CA LEU D 73 -11.58 22.07 -8.76
C LEU D 73 -12.73 22.91 -8.21
N ARG D 74 -12.46 24.16 -7.82
CA ARG D 74 -13.57 25.05 -7.49
C ARG D 74 -14.19 25.63 -8.76
N GLY D 75 -13.40 26.41 -9.49
CA GLY D 75 -13.82 26.97 -10.77
C GLY D 75 -15.04 27.86 -10.72
N GLY D 76 -15.40 28.35 -9.54
CA GLY D 76 -16.60 29.15 -9.38
C GLY D 76 -17.88 28.38 -9.73
N ARG E 21 -37.38 -35.21 -40.98
CA ARG E 21 -38.45 -34.57 -40.22
C ARG E 21 -38.26 -34.77 -38.71
N PHE E 22 -38.45 -36.00 -38.25
CA PHE E 22 -38.33 -36.29 -36.81
C PHE E 22 -36.92 -35.97 -36.33
N GLU E 23 -35.91 -36.44 -37.07
CA GLU E 23 -34.54 -35.94 -36.93
C GLU E 23 -33.99 -36.09 -35.51
N VAL E 24 -34.52 -37.01 -34.71
CA VAL E 24 -33.93 -37.26 -33.39
C VAL E 24 -33.80 -38.76 -33.13
N LYS E 25 -32.60 -39.20 -32.82
CA LYS E 25 -32.35 -40.60 -32.50
C LYS E 25 -31.59 -40.81 -31.20
N LYS E 26 -30.63 -39.95 -30.89
CA LYS E 26 -29.86 -40.09 -29.66
C LYS E 26 -29.66 -38.71 -29.05
N TRP E 27 -29.31 -38.70 -27.77
CA TRP E 27 -28.97 -37.46 -27.07
C TRP E 27 -28.08 -37.81 -25.91
N ASN E 28 -27.00 -37.05 -25.75
CA ASN E 28 -26.10 -37.22 -24.62
C ASN E 28 -25.82 -35.87 -24.02
N ALA E 29 -26.29 -35.64 -22.80
CA ALA E 29 -26.21 -34.35 -22.16
C ALA E 29 -25.23 -34.41 -20.99
N VAL E 30 -24.77 -33.23 -20.58
CA VAL E 30 -23.86 -33.09 -19.46
C VAL E 30 -24.48 -32.15 -18.45
N ALA E 31 -24.57 -32.59 -17.20
CA ALA E 31 -25.24 -31.84 -16.15
C ALA E 31 -24.33 -31.70 -14.94
N LEU E 32 -24.36 -30.54 -14.30
CA LEU E 32 -23.58 -30.34 -13.09
C LEU E 32 -24.44 -30.51 -11.85
N TRP E 33 -23.99 -31.39 -10.96
CA TRP E 33 -24.54 -31.57 -9.63
C TRP E 33 -24.05 -30.49 -8.68
N ALA E 34 -24.92 -30.07 -7.76
CA ALA E 34 -24.60 -29.02 -6.79
C ALA E 34 -25.66 -28.99 -5.71
N TRP E 35 -25.26 -28.62 -4.49
CA TRP E 35 -26.21 -28.54 -3.39
C TRP E 35 -27.23 -27.44 -3.65
N ASP E 36 -28.42 -27.61 -3.11
CA ASP E 36 -29.54 -26.71 -3.37
C ASP E 36 -29.51 -25.46 -2.49
N ILE E 37 -28.37 -24.79 -2.44
CA ILE E 37 -28.14 -23.72 -1.50
C ILE E 37 -27.97 -22.42 -2.27
N VAL E 38 -28.14 -21.29 -1.57
CA VAL E 38 -28.11 -20.00 -2.25
C VAL E 38 -26.74 -19.35 -2.12
N VAL E 39 -26.06 -19.58 -1.00
CA VAL E 39 -24.74 -19.01 -0.73
C VAL E 39 -23.82 -20.14 -0.34
N ASP E 40 -22.53 -19.97 -0.58
CA ASP E 40 -21.56 -21.06 -0.46
C ASP E 40 -20.32 -20.70 0.35
N ASN E 41 -20.42 -20.75 1.68
CA ASN E 41 -19.21 -20.68 2.50
C ASN E 41 -19.22 -21.52 3.75
N CYS E 42 -20.35 -22.03 4.21
CA CYS E 42 -20.51 -22.79 5.44
C CYS E 42 -20.28 -21.94 6.70
N ALA E 43 -19.75 -20.74 6.55
CA ALA E 43 -19.76 -19.73 7.61
C ALA E 43 -19.27 -20.26 8.96
N ILE E 44 -18.61 -21.41 9.00
CA ILE E 44 -18.03 -21.90 10.24
C ILE E 44 -16.56 -22.19 9.98
N CYS E 45 -16.30 -23.03 8.98
CA CYS E 45 -14.95 -23.31 8.55
C CYS E 45 -14.54 -22.47 7.35
N ARG E 46 -15.47 -21.72 6.78
CA ARG E 46 -15.21 -20.82 5.66
C ARG E 46 -14.69 -21.55 4.43
N ASN E 47 -14.83 -22.87 4.37
CA ASN E 47 -14.50 -23.63 3.17
C ASN E 47 -15.63 -23.48 2.16
N HIS E 48 -15.38 -23.85 0.91
CA HIS E 48 -16.45 -23.93 -0.07
C HIS E 48 -17.40 -25.04 0.34
N ILE E 49 -18.69 -24.81 0.13
CA ILE E 49 -19.69 -25.73 0.66
C ILE E 49 -19.53 -27.11 0.05
N MET E 50 -19.01 -27.18 -1.17
CA MET E 50 -18.88 -28.47 -1.85
C MET E 50 -17.64 -29.24 -1.41
N ASP E 51 -16.67 -28.59 -0.78
CA ASP E 51 -15.42 -29.24 -0.42
C ASP E 51 -15.62 -30.06 0.85
N LEU E 52 -14.52 -30.50 1.46
CA LEU E 52 -14.59 -31.22 2.73
C LEU E 52 -14.45 -30.24 3.89
N CYS E 53 -14.95 -30.64 5.04
CA CYS E 53 -14.91 -29.71 6.16
C CYS E 53 -13.51 -29.65 6.74
N ILE E 54 -13.37 -28.91 7.82
CA ILE E 54 -12.04 -28.61 8.33
C ILE E 54 -11.46 -29.77 9.11
N GLU E 55 -12.27 -30.74 9.53
CA GLU E 55 -11.75 -31.90 10.22
C GLU E 55 -11.59 -33.11 9.29
N CYS E 56 -12.55 -33.32 8.40
CA CYS E 56 -12.37 -34.34 7.38
C CYS E 56 -11.33 -33.95 6.33
N GLN E 57 -10.87 -32.70 6.33
CA GLN E 57 -9.80 -32.29 5.44
C GLN E 57 -8.41 -32.59 6.00
N ALA E 58 -8.29 -32.78 7.30
CA ALA E 58 -6.99 -33.10 7.87
C ALA E 58 -6.80 -34.60 7.97
N ASN E 59 -7.02 -35.30 6.86
CA ASN E 59 -6.89 -36.76 6.81
C ASN E 59 -6.64 -37.27 5.40
N GLU E 67 -18.52 -39.09 3.08
CA GLU E 67 -19.46 -39.19 4.19
C GLU E 67 -19.60 -37.84 4.90
N CYS E 68 -19.33 -36.75 4.18
CA CYS E 68 -19.38 -35.41 4.76
C CYS E 68 -20.50 -34.64 4.07
N THR E 69 -21.69 -34.75 4.64
CA THR E 69 -22.90 -34.24 4.02
C THR E 69 -23.23 -32.86 4.57
N VAL E 70 -24.38 -32.32 4.17
CA VAL E 70 -24.82 -30.97 4.51
C VAL E 70 -26.10 -31.07 5.32
N ALA E 71 -26.25 -30.21 6.32
CA ALA E 71 -27.47 -30.10 7.11
C ALA E 71 -28.10 -28.74 6.90
N TRP E 72 -29.43 -28.70 6.96
CA TRP E 72 -30.20 -27.50 6.70
C TRP E 72 -30.94 -27.06 7.94
N GLY E 73 -30.92 -25.76 8.22
CA GLY E 73 -31.53 -25.21 9.40
C GLY E 73 -32.93 -24.70 9.10
N VAL E 74 -33.78 -24.70 10.12
CA VAL E 74 -35.17 -24.30 9.96
C VAL E 74 -35.31 -22.87 9.48
N CYS E 75 -34.26 -22.08 9.54
CA CYS E 75 -34.27 -20.73 9.02
C CYS E 75 -33.72 -20.64 7.61
N ASN E 76 -33.56 -21.77 6.95
CA ASN E 76 -33.01 -21.84 5.59
C ASN E 76 -31.56 -21.37 5.57
N HIS E 77 -30.76 -21.92 6.47
CA HIS E 77 -29.31 -21.80 6.48
C HIS E 77 -28.71 -23.19 6.41
N ALA E 78 -27.55 -23.31 5.79
CA ALA E 78 -26.92 -24.60 5.63
C ALA E 78 -25.44 -24.55 5.95
N PHE E 79 -24.95 -25.59 6.61
CA PHE E 79 -23.54 -25.75 6.92
C PHE E 79 -23.20 -27.22 6.74
N HIS E 80 -21.90 -27.52 6.78
CA HIS E 80 -21.51 -28.93 6.83
C HIS E 80 -22.11 -29.58 8.07
N PHE E 81 -22.16 -30.89 8.07
CA PHE E 81 -22.72 -31.57 9.22
C PHE E 81 -21.80 -31.50 10.42
N HIS E 82 -20.52 -31.80 10.22
CA HIS E 82 -19.59 -31.83 11.34
C HIS E 82 -19.38 -30.45 11.95
N CYS E 83 -19.31 -29.38 11.15
CA CYS E 83 -19.13 -28.05 11.72
C CYS E 83 -20.29 -27.69 12.63
N ILE E 84 -21.52 -27.81 12.13
CA ILE E 84 -22.69 -27.43 12.92
C ILE E 84 -22.85 -28.35 14.12
N SER E 85 -22.35 -29.59 14.03
CA SER E 85 -22.43 -30.48 15.19
C SER E 85 -21.63 -29.91 16.36
N ARG E 86 -20.37 -29.54 16.13
CA ARG E 86 -19.57 -28.96 17.19
C ARG E 86 -20.16 -27.65 17.69
N TRP E 87 -20.65 -26.83 16.77
CA TRP E 87 -21.21 -25.55 17.19
C TRP E 87 -22.38 -25.76 18.14
N LEU E 88 -23.32 -26.66 17.78
CA LEU E 88 -24.44 -26.95 18.67
C LEU E 88 -24.01 -27.67 19.94
N LYS E 89 -22.92 -28.41 19.88
CA LYS E 89 -22.40 -29.03 21.10
C LYS E 89 -22.04 -27.96 22.12
N THR E 90 -21.39 -26.89 21.68
CA THR E 90 -21.03 -25.86 22.65
C THR E 90 -22.19 -24.90 22.93
N ARG E 91 -22.64 -24.16 21.92
CA ARG E 91 -23.70 -23.17 22.09
C ARG E 91 -24.85 -23.47 21.16
N GLN E 92 -26.07 -23.32 21.65
CA GLN E 92 -27.26 -23.75 20.92
C GLN E 92 -27.89 -22.60 20.15
N VAL E 93 -27.11 -22.01 19.25
CA VAL E 93 -27.55 -20.86 18.47
C VAL E 93 -27.06 -21.01 17.03
N CYS E 94 -27.92 -20.67 16.08
CA CYS E 94 -27.52 -20.66 14.69
C CYS E 94 -26.55 -19.50 14.44
N PRO E 95 -25.35 -19.76 14.00
CA PRO E 95 -24.32 -18.72 14.01
C PRO E 95 -24.32 -17.78 12.82
N LEU E 96 -25.48 -17.33 12.39
CA LEU E 96 -25.56 -16.17 11.51
C LEU E 96 -26.74 -15.28 11.87
N ASP E 97 -27.55 -15.71 12.84
CA ASP E 97 -28.80 -15.07 13.20
C ASP E 97 -29.09 -15.55 14.62
N ASN E 98 -28.79 -14.72 15.61
CA ASN E 98 -28.58 -15.28 16.94
C ASN E 98 -29.88 -15.81 17.52
N ARG E 99 -30.40 -16.88 16.93
CA ARG E 99 -31.70 -17.42 17.26
C ARG E 99 -31.57 -18.89 17.67
N GLU E 100 -32.70 -19.48 18.00
CA GLU E 100 -32.73 -20.89 18.33
C GLU E 100 -32.60 -21.73 17.08
N TRP E 101 -32.04 -22.94 17.24
CA TRP E 101 -31.70 -23.80 16.12
C TRP E 101 -32.35 -25.17 16.27
N GLU E 102 -32.87 -25.69 15.16
CA GLU E 102 -33.41 -27.04 15.14
C GLU E 102 -33.32 -27.59 13.72
N PHE E 103 -32.96 -28.86 13.61
CA PHE E 103 -32.73 -29.48 12.31
C PHE E 103 -34.02 -29.59 11.52
N GLN E 104 -33.90 -29.38 10.21
CA GLN E 104 -35.07 -29.26 9.35
C GLN E 104 -34.99 -30.17 8.14
N LYS E 105 -33.77 -30.43 7.66
CA LYS E 105 -33.56 -31.30 6.51
C LYS E 105 -32.09 -31.67 6.46
N TYR E 106 -31.80 -32.97 6.41
CA TYR E 106 -30.44 -33.42 6.23
C TYR E 106 -30.06 -33.34 4.76
N GLY E 107 -28.93 -33.93 4.41
CA GLY E 107 -28.47 -33.93 3.03
C GLY E 107 -27.96 -35.29 2.63
N HIS E 108 -28.10 -35.60 1.35
CA HIS E 108 -27.61 -36.86 0.83
C HIS E 108 -27.03 -36.67 -0.57
N MET F 1 36.70 40.55 20.33
CA MET F 1 37.39 41.81 20.10
C MET F 1 36.49 42.76 19.30
N ALA F 2 35.89 42.22 18.24
CA ALA F 2 34.86 42.98 17.52
C ALA F 2 33.73 43.37 18.45
N ALA F 3 33.43 42.52 19.43
CA ALA F 3 32.47 42.89 20.47
C ALA F 3 32.90 44.16 21.16
N SER F 4 34.18 44.24 21.55
CA SER F 4 34.68 45.43 22.23
C SER F 4 34.62 46.65 21.32
N ARG F 5 35.02 46.50 20.05
CA ARG F 5 35.01 47.64 19.15
C ARG F 5 33.61 48.17 18.93
N ARG F 6 32.63 47.28 18.83
CA ARG F 6 31.23 47.71 18.70
C ARG F 6 30.74 48.37 19.99
N LEU F 7 31.00 47.73 21.14
CA LEU F 7 30.48 48.24 22.40
C LEU F 7 31.05 49.60 22.75
N MET F 8 32.33 49.85 22.47
CA MET F 8 32.90 51.14 22.83
C MET F 8 32.18 52.26 22.08
N LYS F 9 31.91 52.06 20.80
CA LYS F 9 31.25 53.10 20.03
C LYS F 9 29.79 53.24 20.42
N GLU F 10 29.11 52.13 20.71
CA GLU F 10 27.72 52.20 21.16
C GLU F 10 27.62 52.94 22.48
N LEU F 11 28.51 52.63 23.42
CA LEU F 11 28.50 53.29 24.72
C LEU F 11 28.81 54.77 24.58
N GLU F 12 29.77 55.11 23.72
CA GLU F 12 30.08 56.52 23.49
C GLU F 12 28.86 57.25 22.92
N GLU F 13 28.16 56.63 21.97
CA GLU F 13 26.97 57.26 21.42
C GLU F 13 25.91 57.46 22.48
N ILE F 14 25.65 56.45 23.29
CA ILE F 14 24.61 56.57 24.31
C ILE F 14 24.96 57.68 25.29
N ARG F 15 26.21 57.74 25.72
CA ARG F 15 26.62 58.76 26.68
C ARG F 15 26.54 60.15 26.08
N LYS F 16 27.02 60.33 24.84
CA LYS F 16 26.99 61.64 24.21
C LYS F 16 25.55 62.11 23.99
N ALA F 17 24.68 61.20 23.55
CA ALA F 17 23.31 61.60 23.24
C ALA F 17 22.55 62.03 24.49
N GLY F 18 22.62 61.22 25.55
CA GLY F 18 21.87 61.53 26.76
C GLY F 18 20.42 61.13 26.64
N MET F 19 19.86 60.52 27.69
CA MET F 19 18.50 60.00 27.66
C MET F 19 17.75 60.43 28.91
N LYS F 20 16.42 60.44 28.81
CA LYS F 20 15.58 60.84 29.93
C LYS F 20 15.10 59.65 30.75
N ASN F 21 15.56 58.44 30.45
CA ASN F 21 15.11 57.23 31.14
C ASN F 21 16.26 56.40 31.68
N PHE F 22 17.49 56.65 31.24
CA PHE F 22 18.63 55.85 31.65
C PHE F 22 19.66 56.74 32.32
N ARG F 23 20.04 56.37 33.55
CA ARG F 23 21.07 57.08 34.30
C ARG F 23 22.15 56.10 34.74
N ASN F 24 23.27 56.66 35.18
CA ASN F 24 24.33 55.92 35.85
C ASN F 24 24.79 54.72 35.01
N ILE F 25 25.32 55.03 33.83
CA ILE F 25 25.88 53.98 32.97
C ILE F 25 27.24 53.62 33.57
N GLN F 26 27.26 52.56 34.37
CA GLN F 26 28.46 52.12 35.06
C GLN F 26 29.02 50.91 34.34
N VAL F 27 30.29 50.96 34.00
CA VAL F 27 30.92 49.91 33.22
C VAL F 27 32.40 49.84 33.59
N ASP F 28 32.92 48.63 33.73
CA ASP F 28 34.35 48.44 33.93
C ASP F 28 35.08 48.67 32.62
N GLU F 29 35.96 49.67 32.60
CA GLU F 29 36.65 50.02 31.37
C GLU F 29 37.59 48.91 30.90
N ALA F 30 38.00 48.02 31.80
CA ALA F 30 38.87 46.93 31.39
C ALA F 30 38.10 45.83 30.66
N ASN F 31 37.15 45.20 31.35
CA ASN F 31 36.41 44.11 30.73
C ASN F 31 35.45 44.63 29.66
N LEU F 32 34.66 45.65 30.00
CA LEU F 32 33.86 46.40 29.05
C LEU F 32 32.71 45.57 28.46
N LEU F 33 32.63 44.28 28.79
CA LEU F 33 31.53 43.46 28.33
C LEU F 33 30.46 43.27 29.39
N THR F 34 30.50 44.05 30.46
CA THR F 34 29.46 44.00 31.49
C THR F 34 29.03 45.42 31.80
N TRP F 35 27.73 45.64 31.89
CA TRP F 35 27.18 46.96 32.15
C TRP F 35 26.31 46.91 33.40
N GLN F 36 26.39 47.98 34.20
CA GLN F 36 25.50 48.19 35.33
C GLN F 36 24.87 49.55 35.17
N GLY F 37 23.53 49.60 35.22
CA GLY F 37 22.81 50.82 34.97
C GLY F 37 21.57 50.92 35.83
N LEU F 38 21.08 52.15 35.95
CA LEU F 38 19.92 52.47 36.77
C LEU F 38 18.82 52.98 35.83
N ILE F 39 17.64 52.37 35.91
CA ILE F 39 16.49 52.84 35.15
C ILE F 39 15.51 53.47 36.12
N VAL F 40 14.67 54.37 35.61
CA VAL F 40 13.63 55.00 36.41
C VAL F 40 12.32 54.98 35.63
N PRO F 41 11.24 54.45 36.19
CA PRO F 41 9.95 54.45 35.51
C PRO F 41 9.18 55.73 35.79
N ASP F 42 7.96 55.79 35.26
CA ASP F 42 7.10 56.95 35.47
C ASP F 42 5.70 56.52 35.90
N ASN F 43 5.30 55.31 35.52
CA ASN F 43 3.95 54.86 35.82
C ASN F 43 3.90 54.25 37.22
N PRO F 44 2.83 54.50 37.97
CA PRO F 44 2.72 53.91 39.30
C PRO F 44 2.46 52.41 39.19
N PRO F 45 2.79 51.64 40.24
CA PRO F 45 3.42 52.10 41.47
C PRO F 45 4.95 52.07 41.43
N TYR F 46 5.50 51.69 40.27
CA TYR F 46 6.95 51.54 40.17
C TYR F 46 7.66 52.87 40.03
N ASP F 47 6.93 53.95 39.77
CA ASP F 47 7.55 55.26 39.64
C ASP F 47 8.23 55.69 40.94
N LYS F 48 7.59 55.44 42.07
CA LYS F 48 8.20 55.76 43.36
C LYS F 48 9.31 54.75 43.66
N GLY F 49 10.56 55.16 43.44
CA GLY F 49 11.69 54.30 43.72
C GLY F 49 12.55 53.96 42.52
N ALA F 50 13.87 54.06 42.68
CA ALA F 50 14.81 53.72 41.62
C ALA F 50 15.34 52.31 41.85
N PHE F 51 16.02 51.75 40.84
CA PHE F 51 16.47 50.36 40.86
C PHE F 51 17.31 50.07 39.63
N ARG F 52 18.19 49.08 39.77
CA ARG F 52 19.38 48.92 38.95
C ARG F 52 19.33 47.64 38.12
N ILE F 53 20.09 47.61 37.02
CA ILE F 53 20.12 46.50 36.09
C ILE F 53 21.56 46.21 35.69
N GLU F 54 21.86 44.92 35.50
CA GLU F 54 23.18 44.47 35.07
C GLU F 54 23.06 43.70 33.76
N ILE F 55 23.89 44.07 32.78
CA ILE F 55 23.89 43.43 31.47
C ILE F 55 25.21 42.69 31.29
N ASN F 56 25.14 41.46 30.78
CA ASN F 56 26.31 40.61 30.57
C ASN F 56 26.41 40.28 29.09
N PHE F 57 27.26 41.01 28.38
CA PHE F 57 27.48 40.71 26.97
C PHE F 57 28.31 39.44 26.84
N PRO F 58 27.83 38.41 26.16
CA PRO F 58 28.61 37.19 26.01
C PRO F 58 29.77 37.40 25.03
N ALA F 59 30.60 36.37 24.92
CA ALA F 59 31.83 36.48 24.16
C ALA F 59 31.57 36.71 22.67
N GLU F 60 30.60 35.99 22.11
CA GLU F 60 30.31 36.06 20.68
C GLU F 60 29.26 37.10 20.37
N TYR F 61 29.63 38.36 20.49
CA TYR F 61 28.76 39.49 20.23
C TYR F 61 29.22 40.24 18.98
N PRO F 62 28.33 40.80 18.17
CA PRO F 62 26.87 40.84 18.31
C PRO F 62 26.16 39.65 17.70
N PHE F 63 26.88 38.55 17.50
CA PHE F 63 26.32 37.39 16.83
C PHE F 63 25.67 36.41 17.78
N LYS F 64 25.53 36.76 19.06
CA LYS F 64 24.74 36.02 20.02
C LYS F 64 24.00 37.02 20.89
N PRO F 65 22.87 36.63 21.48
CA PRO F 65 22.09 37.59 22.25
C PRO F 65 22.80 38.00 23.52
N PRO F 66 22.68 39.26 23.94
CA PRO F 66 23.18 39.67 25.25
C PRO F 66 22.17 39.36 26.35
N LYS F 67 22.49 38.41 27.21
CA LYS F 67 21.62 38.09 28.32
C LYS F 67 21.58 39.24 29.32
N ILE F 68 20.41 39.53 29.85
CA ILE F 68 20.22 40.63 30.79
C ILE F 68 19.84 40.06 32.15
N THR F 69 20.41 40.63 33.20
CA THR F 69 20.18 40.19 34.57
C THR F 69 19.66 41.36 35.39
N PHE F 70 18.56 41.13 36.10
CA PHE F 70 17.84 42.21 36.76
C PHE F 70 18.17 42.10 38.25
N LYS F 71 19.07 42.98 38.71
CA LYS F 71 19.72 42.77 39.99
C LYS F 71 18.82 43.13 41.17
N THR F 72 18.39 44.39 41.24
CA THR F 72 17.57 44.85 42.36
C THR F 72 16.19 44.19 42.31
N LYS F 73 15.65 43.89 43.49
CA LYS F 73 14.37 43.21 43.57
C LYS F 73 13.24 44.16 43.22
N ILE F 74 12.10 43.60 42.81
CA ILE F 74 10.93 44.38 42.42
C ILE F 74 9.72 43.46 42.37
N TYR F 75 8.53 44.04 42.61
CA TYR F 75 7.27 43.31 42.66
C TYR F 75 6.58 43.45 41.30
N HIS F 76 6.99 42.63 40.35
CA HIS F 76 6.42 42.66 39.01
C HIS F 76 5.98 41.25 38.63
N PRO F 77 4.82 41.12 37.99
CA PRO F 77 4.35 39.79 37.61
C PRO F 77 5.25 39.08 36.62
N ASN F 78 5.96 39.83 35.76
CA ASN F 78 6.77 39.24 34.72
C ASN F 78 8.26 39.26 35.04
N ILE F 79 8.63 39.27 36.32
CA ILE F 79 10.02 39.30 36.73
C ILE F 79 10.21 38.35 37.91
N ASP F 80 11.30 37.59 37.90
CA ASP F 80 11.61 36.65 38.95
C ASP F 80 12.42 37.34 40.05
N GLU F 81 12.30 36.81 41.28
CA GLU F 81 13.08 37.37 42.38
C GLU F 81 14.57 37.14 42.18
N LYS F 82 14.95 36.09 41.47
CA LYS F 82 16.34 35.95 41.06
C LYS F 82 16.74 36.97 40.00
N GLY F 83 15.77 37.62 39.37
CA GLY F 83 16.06 38.65 38.41
C GLY F 83 16.21 38.17 36.98
N GLN F 84 15.22 37.42 36.49
CA GLN F 84 15.23 36.91 35.13
C GLN F 84 13.99 37.40 34.40
N VAL F 85 14.20 37.98 33.21
CA VAL F 85 13.11 38.45 32.38
C VAL F 85 13.18 37.73 31.04
N CYS F 86 12.06 37.69 30.33
CA CYS F 86 11.97 36.95 29.08
C CYS F 86 12.28 37.84 27.88
N LEU F 87 11.51 38.91 27.70
CA LEU F 87 11.84 39.98 26.76
C LEU F 87 12.13 39.43 25.37
N PRO F 88 11.09 39.07 24.61
CA PRO F 88 11.31 38.34 23.34
C PRO F 88 12.26 39.00 22.37
N VAL F 89 12.57 40.29 22.52
CA VAL F 89 13.53 40.95 21.64
C VAL F 89 14.93 40.37 21.78
N ILE F 90 15.20 39.63 22.85
CA ILE F 90 16.52 39.10 23.10
C ILE F 90 16.61 37.58 22.91
N SER F 91 15.51 36.85 23.09
CA SER F 91 15.55 35.39 22.96
C SER F 91 16.21 34.97 21.65
N ALA F 92 16.90 33.84 21.69
CA ALA F 92 17.79 33.44 20.60
C ALA F 92 17.03 33.18 19.31
N GLU F 93 15.72 33.03 19.39
CA GLU F 93 14.91 32.79 18.21
C GLU F 93 14.68 34.03 17.37
N ASN F 94 14.95 35.22 17.91
CA ASN F 94 14.67 36.46 17.19
C ASN F 94 15.82 37.46 17.21
N TRP F 95 16.93 37.17 17.88
CA TRP F 95 18.00 38.15 18.00
C TRP F 95 18.59 38.42 16.61
N LYS F 96 18.52 39.65 16.19
CA LYS F 96 19.08 40.02 14.90
C LYS F 96 20.34 40.85 15.12
N PRO F 97 21.41 40.54 14.43
CA PRO F 97 22.72 41.08 14.81
C PRO F 97 22.95 42.54 14.47
N ALA F 98 21.88 43.30 14.22
CA ALA F 98 22.03 44.71 13.92
C ALA F 98 21.34 45.61 14.93
N THR F 99 20.61 45.07 15.90
CA THR F 99 19.83 45.90 16.80
C THR F 99 20.75 46.54 17.83
N LYS F 100 20.66 47.85 17.98
CA LYS F 100 21.43 48.55 19.00
C LYS F 100 20.84 48.28 20.38
N THR F 101 21.72 48.25 21.39
CA THR F 101 21.30 47.86 22.74
C THR F 101 20.28 48.84 23.32
N ASP F 102 20.28 50.08 22.84
CA ASP F 102 19.28 51.02 23.32
C ASP F 102 17.87 50.59 22.91
N GLN F 103 17.73 49.93 21.76
CA GLN F 103 16.43 49.37 21.41
C GLN F 103 16.01 48.34 22.44
N VAL F 104 16.96 47.53 22.92
CA VAL F 104 16.66 46.62 24.02
C VAL F 104 16.24 47.41 25.26
N ILE F 105 16.86 48.58 25.47
CA ILE F 105 16.55 49.37 26.65
C ILE F 105 15.11 49.86 26.61
N GLN F 106 14.70 50.47 25.50
CA GLN F 106 13.29 50.88 25.38
C GLN F 106 12.34 49.70 25.43
N SER F 107 12.70 48.57 24.84
CA SER F 107 11.83 47.40 24.93
C SER F 107 11.64 46.97 26.39
N LEU F 108 12.72 46.94 27.15
CA LEU F 108 12.64 46.55 28.56
C LEU F 108 11.83 47.56 29.36
N ILE F 109 12.03 48.85 29.10
CA ILE F 109 11.30 49.87 29.84
C ILE F 109 9.81 49.80 29.54
N ALA F 110 9.45 49.58 28.27
CA ALA F 110 8.05 49.39 27.93
C ALA F 110 7.49 48.15 28.62
N LEU F 111 8.30 47.10 28.75
CA LEU F 111 7.87 45.95 29.54
C LEU F 111 7.61 46.35 30.98
N VAL F 112 8.47 47.18 31.56
CA VAL F 112 8.33 47.60 32.95
C VAL F 112 7.02 48.37 33.14
N ASN F 113 6.75 49.31 32.24
CA ASN F 113 5.53 50.10 32.38
C ASN F 113 4.28 49.24 32.17
N ASP F 114 4.28 48.40 31.15
CA ASP F 114 3.09 47.62 30.81
C ASP F 114 3.29 46.15 31.17
N PRO F 115 2.56 45.63 32.16
CA PRO F 115 2.71 44.21 32.51
C PRO F 115 2.07 43.30 31.47
N GLN F 116 2.43 42.02 31.56
CA GLN F 116 1.92 40.99 30.65
C GLN F 116 1.42 39.83 31.50
N PRO F 117 0.18 39.88 31.97
CA PRO F 117 -0.31 38.82 32.87
C PRO F 117 -0.55 37.50 32.17
N GLU F 118 -0.35 37.47 30.85
CA GLU F 118 -0.58 36.27 30.06
C GLU F 118 0.69 35.48 29.78
N HIS F 119 1.87 36.03 30.08
CA HIS F 119 3.13 35.30 29.96
C HIS F 119 3.86 35.37 31.30
N PRO F 120 3.33 34.73 32.34
CA PRO F 120 3.88 34.94 33.67
C PRO F 120 4.90 33.90 34.08
N LEU F 121 5.87 34.31 34.89
CA LEU F 121 6.67 33.38 35.66
C LEU F 121 6.45 33.53 37.16
N ARG F 122 5.38 34.23 37.55
CA ARG F 122 4.84 34.21 38.90
C ARG F 122 3.33 34.01 38.72
N ALA F 123 2.90 32.75 38.64
CA ALA F 123 1.57 32.43 38.15
C ALA F 123 0.48 33.02 39.05
N ASP F 124 0.56 32.75 40.35
CA ASP F 124 -0.47 33.23 41.28
C ASP F 124 -0.48 34.75 41.35
N LEU F 125 0.70 35.36 41.37
CA LEU F 125 0.79 36.82 41.40
C LEU F 125 0.15 37.42 40.16
N ALA F 126 0.40 36.83 38.99
CA ALA F 126 -0.19 37.33 37.75
C ALA F 126 -1.70 37.15 37.74
N GLU F 127 -2.19 36.00 38.21
CA GLU F 127 -3.63 35.78 38.25
C GLU F 127 -4.30 36.81 39.15
N GLU F 128 -3.73 37.05 40.33
CA GLU F 128 -4.31 38.05 41.21
C GLU F 128 -4.22 39.46 40.62
N TYR F 129 -3.12 39.80 39.96
CA TYR F 129 -3.01 41.09 39.31
C TYR F 129 -4.09 41.27 38.25
N SER F 130 -4.34 40.22 37.48
CA SER F 130 -5.40 40.28 36.47
C SER F 130 -6.77 40.21 37.12
N LYS F 131 -6.83 39.90 38.41
CA LYS F 131 -8.13 39.81 39.09
C LYS F 131 -8.53 41.15 39.70
N ASP F 132 -7.72 41.69 40.60
CA ASP F 132 -8.11 42.80 41.47
C ASP F 132 -7.05 43.91 41.43
N ARG F 133 -6.76 44.36 40.21
CA ARG F 133 -5.71 45.33 39.90
C ARG F 133 -5.57 46.46 40.91
N LYS F 134 -6.70 46.89 41.49
CA LYS F 134 -6.70 48.09 42.33
C LYS F 134 -5.75 47.96 43.52
N LYS F 135 -5.77 46.82 44.21
CA LYS F 135 -4.99 46.72 45.44
C LYS F 135 -3.50 46.58 45.16
N PHE F 136 -3.11 45.81 44.14
CA PHE F 136 -1.69 45.63 43.85
C PHE F 136 -0.98 46.92 43.50
N ALA F 137 -1.69 47.91 42.98
CA ALA F 137 -1.08 49.22 42.77
C ALA F 137 -0.58 49.80 44.08
N LYS F 138 -1.10 49.32 45.21
CA LYS F 138 -0.56 49.64 46.52
C LYS F 138 0.35 48.56 47.06
N ASN F 139 0.01 47.28 46.82
CA ASN F 139 0.80 46.18 47.36
C ASN F 139 2.22 46.22 46.84
N ALA F 140 2.40 46.29 45.53
CA ALA F 140 3.72 46.47 44.97
C ALA F 140 4.30 47.82 45.36
N GLU F 141 3.43 48.80 45.66
CA GLU F 141 3.92 50.12 46.04
C GLU F 141 4.74 50.05 47.32
N GLU F 142 4.26 49.33 48.33
CA GLU F 142 5.05 49.24 49.55
C GLU F 142 6.37 48.51 49.30
N PHE F 143 6.32 47.43 48.50
CA PHE F 143 7.51 46.62 48.28
C PHE F 143 8.59 47.43 47.59
N THR F 144 8.20 48.18 46.55
CA THR F 144 9.15 49.07 45.88
C THR F 144 9.60 50.19 46.81
N LYS F 145 8.69 50.73 47.62
CA LYS F 145 9.03 51.83 48.51
C LYS F 145 10.13 51.44 49.48
N LYS F 146 10.03 50.24 50.04
CA LYS F 146 11.04 49.77 50.99
C LYS F 146 12.20 49.07 50.32
N TYR F 147 12.14 48.79 49.02
CA TYR F 147 13.23 48.11 48.35
C TYR F 147 13.72 48.78 47.07
N GLY F 148 13.31 50.00 46.78
CA GLY F 148 13.81 50.72 45.63
C GLY F 148 15.14 51.39 45.92
N GLU F 149 15.45 52.43 45.14
CA GLU F 149 16.66 53.22 45.34
C GLU F 149 16.33 54.69 45.18
N LYS F 150 17.28 55.54 45.54
CA LYS F 150 17.11 56.98 45.41
C LYS F 150 17.20 57.37 43.94
N ARG F 151 16.12 57.96 43.42
CA ARG F 151 16.08 58.39 42.03
C ARG F 151 16.60 59.81 41.87
#